data_8YBO
#
_entry.id   8YBO
#
_cell.length_a   60.154
_cell.length_b   82.956
_cell.length_c   83.546
_cell.angle_alpha   90.00
_cell.angle_beta   97.44
_cell.angle_gamma   90.00
#
_symmetry.space_group_name_H-M   'P 1 21 1'
#
loop_
_entity.id
_entity.type
_entity.pdbx_description
1 polymer 'Enterotoxin type B'
2 polymer 'nanobody SEB-Nb11'
3 water water
#
loop_
_entity_poly.entity_id
_entity_poly.type
_entity_poly.pdbx_seq_one_letter_code
_entity_poly.pdbx_strand_id
1 'polypeptide(L)'
;MESQPDPKPDELHKSSKFTGLMENMKVLYDDNHVSAINVKSIDQFLYFDLIYSIKDTKLGNYDNVRVEFKNKDLADKYKD
KYVDVFGANYYYQCYFSKKTNDINSHQTDKRKTCMYGGVTEHNGNQLDKYRSITVRVFEDGKNLLSFDVQTNKKKVTAQE
LDYLTRHYLVKNKKLYEFNNSPYETGYIKFIENENSFWYDMMPAPGDKFDQSKYLMMYNDNKMVDSKDVKIEVYLTTKKK
;
A,C
2 'polypeptide(L)'
;QVQLVESGGGLVQPGGSLRLSCAASGFALSLYVMSWVRQAPGEGREWVSSINSGGSTTAYADSVKGRFTISRDNAKNTLY
LQLNSLKTEDTAMYYCAKSKYPKYVPTWPPLLDEHDYWGQGIQVTVSS
;
B,D
#
# COMPACT_ATOMS: atom_id res chain seq x y z
N GLU A 2 33.36 31.91 -15.47
CA GLU A 2 33.08 30.76 -16.33
C GLU A 2 31.69 30.18 -16.03
N SER A 3 31.24 29.31 -16.94
CA SER A 3 29.97 28.60 -16.84
C SER A 3 30.21 27.21 -16.25
N GLN A 4 29.32 26.76 -15.36
CA GLN A 4 29.45 25.45 -14.73
C GLN A 4 29.19 24.34 -15.75
N PRO A 5 30.07 23.32 -15.86
CA PRO A 5 29.77 22.15 -16.69
C PRO A 5 28.45 21.51 -16.23
N ASP A 6 27.63 21.10 -17.20
CA ASP A 6 26.37 20.44 -16.88
C ASP A 6 26.65 19.09 -16.22
N PRO A 7 25.67 18.49 -15.52
CA PRO A 7 25.89 17.25 -14.78
C PRO A 7 26.46 16.10 -15.62
N LYS A 8 27.47 15.44 -15.06
CA LYS A 8 28.06 14.23 -15.62
C LYS A 8 27.13 13.03 -15.51
N PRO A 9 27.49 11.84 -16.05
CA PRO A 9 26.57 10.71 -16.12
C PRO A 9 25.96 10.26 -14.79
N ASP A 10 26.82 10.01 -13.79
CA ASP A 10 26.38 9.52 -12.50
C ASP A 10 26.64 10.52 -11.38
N GLU A 11 26.61 11.81 -11.75
CA GLU A 11 26.90 12.88 -10.81
C GLU A 11 25.65 13.22 -9.99
N LEU A 12 24.47 13.09 -10.60
CA LEU A 12 23.22 13.46 -9.95
C LEU A 12 22.80 12.42 -8.92
N HIS A 13 22.33 12.88 -7.76
CA HIS A 13 21.74 12.01 -6.76
C HIS A 13 20.53 11.27 -7.32
N LYS A 14 20.43 9.98 -6.99
CA LYS A 14 19.30 9.15 -7.40
C LYS A 14 18.33 8.97 -6.23
N SER A 15 17.07 9.33 -6.45
CA SER A 15 16.08 9.26 -5.40
C SER A 15 15.85 7.85 -4.89
N SER A 16 16.00 6.86 -5.78
CA SER A 16 15.85 5.46 -5.39
C SER A 16 16.92 4.99 -4.40
N LYS A 17 18.06 5.70 -4.34
CA LYS A 17 19.12 5.40 -3.38
C LYS A 17 18.97 6.16 -2.06
N PHE A 18 17.95 7.01 -1.95
CA PHE A 18 17.59 7.64 -0.69
C PHE A 18 16.43 6.86 -0.11
N THR A 19 16.60 6.36 1.13
CA THR A 19 15.64 5.45 1.73
C THR A 19 14.94 6.02 2.95
N GLY A 20 15.17 7.31 3.24
CA GLY A 20 14.49 7.98 4.32
C GLY A 20 13.15 8.56 3.86
N LEU A 21 12.61 9.52 4.62
CA LEU A 21 11.35 10.15 4.27
C LEU A 21 11.58 11.41 3.44
N MET A 22 11.06 11.41 2.21
CA MET A 22 11.24 12.52 1.28
C MET A 22 10.41 13.71 1.76
N GLU A 23 9.45 13.46 2.65
CA GLU A 23 8.74 14.50 3.38
C GLU A 23 9.67 15.60 3.92
N ASN A 24 10.85 15.20 4.37
CA ASN A 24 11.78 16.19 5.00
C ASN A 24 12.35 17.14 3.93
N MET A 25 12.38 16.71 2.67
CA MET A 25 12.70 17.59 1.56
C MET A 25 11.43 18.33 1.13
N LYS A 26 10.31 17.60 0.98
CA LYS A 26 9.06 18.22 0.56
C LYS A 26 8.72 19.49 1.36
N VAL A 27 8.84 19.41 2.70
CA VAL A 27 8.40 20.50 3.57
C VAL A 27 9.18 21.80 3.38
N LEU A 28 10.38 21.69 2.79
CA LEU A 28 11.19 22.85 2.48
C LEU A 28 10.64 23.63 1.29
N TYR A 29 9.85 22.96 0.44
CA TYR A 29 9.30 23.57 -0.76
C TYR A 29 7.76 23.59 -0.78
N ASP A 30 7.15 23.51 0.41
CA ASP A 30 5.73 23.71 0.62
C ASP A 30 5.49 25.20 0.87
N ASP A 31 4.29 25.56 1.33
CA ASP A 31 3.92 26.97 1.48
C ASP A 31 4.79 27.77 2.44
N ASN A 32 5.22 27.16 3.56
CA ASN A 32 6.00 27.87 4.57
C ASN A 32 7.37 28.28 4.01
N HIS A 33 7.70 29.57 4.14
CA HIS A 33 9.01 30.09 3.77
C HIS A 33 9.17 31.45 4.42
N VAL A 34 10.39 31.99 4.40
CA VAL A 34 10.66 33.33 4.90
C VAL A 34 10.56 34.31 3.74
N SER A 35 9.87 35.42 3.97
CA SER A 35 9.87 36.54 3.04
C SER A 35 9.70 37.83 3.86
N ALA A 36 10.65 38.76 3.74
CA ALA A 36 10.56 40.05 4.39
C ALA A 36 10.97 41.14 3.41
N ILE A 37 10.27 42.29 3.48
CA ILE A 37 10.56 43.40 2.59
C ILE A 37 11.09 44.57 3.41
N ASN A 38 12.24 45.11 2.98
CA ASN A 38 12.81 46.33 3.53
C ASN A 38 13.05 46.24 5.03
N VAL A 39 13.91 45.30 5.41
CA VAL A 39 14.30 45.11 6.80
C VAL A 39 15.81 45.21 6.95
N LYS A 40 16.25 45.43 8.19
CA LYS A 40 17.66 45.58 8.52
C LYS A 40 18.00 44.64 9.67
N SER A 41 19.19 44.02 9.63
CA SER A 41 19.61 43.11 10.68
C SER A 41 19.62 43.82 12.03
N ILE A 42 19.19 43.08 13.05
CA ILE A 42 19.11 43.61 14.41
C ILE A 42 20.04 42.90 15.38
N ASP A 43 20.67 41.81 14.95
CA ASP A 43 21.63 41.13 15.80
C ASP A 43 22.53 40.25 14.93
N GLN A 44 23.46 39.55 15.60
CA GLN A 44 24.39 38.66 14.92
C GLN A 44 24.85 37.66 15.98
N PHE A 45 24.94 36.38 15.58
CA PHE A 45 25.45 35.35 16.47
C PHE A 45 26.92 35.07 16.15
N LEU A 46 27.17 34.36 15.05
CA LEU A 46 28.51 34.16 14.53
C LEU A 46 28.79 35.20 13.45
N TYR A 47 30.07 35.33 13.06
CA TYR A 47 30.52 36.46 12.27
C TYR A 47 30.10 36.29 10.81
N PHE A 48 29.59 35.11 10.45
CA PHE A 48 29.09 34.89 9.10
C PHE A 48 27.57 34.81 9.02
N ASP A 49 26.86 35.23 10.08
CA ASP A 49 25.42 35.30 10.03
C ASP A 49 24.92 36.70 10.39
N LEU A 50 23.63 36.91 10.13
CA LEU A 50 22.89 38.11 10.53
C LEU A 50 21.53 37.63 11.03
N ILE A 51 21.01 38.30 12.06
CA ILE A 51 19.72 37.94 12.62
C ILE A 51 18.72 39.04 12.28
N TYR A 52 17.54 38.61 11.79
CA TYR A 52 16.49 39.54 11.43
C TYR A 52 15.25 39.24 12.27
N SER A 53 14.43 40.29 12.45
CA SER A 53 13.11 40.18 13.04
C SER A 53 12.04 40.23 11.94
N ILE A 54 11.39 39.09 11.66
CA ILE A 54 10.50 38.98 10.51
C ILE A 54 9.10 38.54 10.92
N ASN A 61 2.89 37.91 14.43
CA ASN A 61 3.99 38.02 15.38
C ASN A 61 5.36 37.87 14.70
N TYR A 62 6.42 38.28 15.41
CA TYR A 62 7.75 38.36 14.84
C TYR A 62 8.68 37.28 15.37
N ASP A 63 9.32 36.53 14.45
CA ASP A 63 10.33 35.55 14.79
C ASP A 63 11.72 36.09 14.48
N ASN A 64 12.71 35.60 15.23
CA ASN A 64 14.10 35.86 14.91
C ASN A 64 14.54 34.84 13.87
N VAL A 65 15.00 35.36 12.74
CA VAL A 65 15.46 34.53 11.64
C VAL A 65 16.97 34.70 11.57
N ARG A 66 17.70 33.60 11.74
CA ARG A 66 19.14 33.61 11.53
C ARG A 66 19.45 33.27 10.07
N VAL A 67 20.05 34.24 9.39
CA VAL A 67 20.48 34.12 8.01
C VAL A 67 21.98 33.86 8.04
N GLU A 68 22.38 32.68 7.56
CA GLU A 68 23.76 32.27 7.52
C GLU A 68 24.34 32.43 6.12
N PHE A 69 25.50 33.08 6.03
CA PHE A 69 26.25 33.21 4.79
C PHE A 69 27.49 32.33 4.81
N LYS A 70 28.11 32.17 3.65
CA LYS A 70 29.29 31.32 3.55
C LYS A 70 30.50 31.94 4.27
N ASN A 71 30.55 33.28 4.39
CA ASN A 71 31.72 33.89 5.00
C ASN A 71 31.43 35.25 5.64
N LYS A 72 32.45 35.82 6.29
CA LYS A 72 32.30 37.09 6.94
C LYS A 72 32.03 38.26 5.98
N ASP A 73 32.67 38.20 4.81
CA ASP A 73 32.52 39.27 3.82
C ASP A 73 31.06 39.52 3.47
N LEU A 74 30.28 38.46 3.29
CA LEU A 74 28.87 38.60 2.97
C LEU A 74 28.08 39.17 4.15
N ALA A 75 28.34 38.67 5.36
CA ALA A 75 27.68 39.22 6.54
C ALA A 75 28.05 40.68 6.73
N ASP A 76 29.32 41.01 6.51
CA ASP A 76 29.77 42.39 6.69
C ASP A 76 29.08 43.30 5.68
N LYS A 77 28.89 42.80 4.45
CA LYS A 77 28.28 43.58 3.40
C LYS A 77 26.84 43.99 3.73
N TYR A 78 26.07 43.06 4.30
CA TYR A 78 24.65 43.29 4.51
C TYR A 78 24.27 43.75 5.91
N LYS A 79 25.22 43.69 6.87
CA LYS A 79 24.92 44.07 8.24
C LYS A 79 24.38 45.49 8.26
N ASP A 80 23.25 45.71 8.91
CA ASP A 80 22.71 47.07 8.96
C ASP A 80 22.47 47.74 7.60
N LYS A 81 22.30 46.95 6.53
CA LYS A 81 21.81 47.45 5.25
C LYS A 81 20.35 47.07 5.15
N TYR A 82 19.51 47.93 4.54
CA TYR A 82 18.11 47.61 4.34
C TYR A 82 17.95 46.65 3.17
N VAL A 83 17.38 45.46 3.46
CA VAL A 83 17.34 44.39 2.50
C VAL A 83 15.95 43.78 2.33
N ASP A 84 15.81 42.94 1.31
CA ASP A 84 14.73 41.97 1.27
C ASP A 84 15.35 40.59 1.56
N VAL A 85 14.59 39.78 2.31
CA VAL A 85 14.99 38.43 2.66
C VAL A 85 13.95 37.46 2.11
N PHE A 86 14.42 36.40 1.43
CA PHE A 86 13.54 35.39 0.88
C PHE A 86 14.28 34.05 0.92
N GLY A 87 13.69 33.05 1.57
CA GLY A 87 14.29 31.73 1.47
C GLY A 87 13.57 30.60 2.18
N ALA A 88 14.16 29.41 2.01
CA ALA A 88 13.66 28.19 2.62
C ALA A 88 14.33 27.95 3.96
N ASN A 89 13.52 28.01 5.01
CA ASN A 89 14.01 27.96 6.38
C ASN A 89 13.82 26.57 6.98
N TYR A 90 14.57 26.29 8.05
CA TYR A 90 14.50 25.03 8.74
C TYR A 90 14.54 25.28 10.25
N TYR A 91 14.12 24.26 10.99
CA TYR A 91 14.03 24.33 12.44
C TYR A 91 14.88 23.28 13.12
N TYR A 92 14.85 22.04 12.61
CA TYR A 92 15.57 20.93 13.21
C TYR A 92 17.07 21.22 13.22
N GLN A 93 17.65 21.21 14.42
CA GLN A 93 19.04 21.54 14.67
C GLN A 93 19.44 22.94 14.17
N CYS A 94 18.48 23.85 14.16
CA CYS A 94 18.76 25.27 13.96
C CYS A 94 19.60 25.77 15.15
N TYR A 95 20.88 26.08 14.88
CA TYR A 95 21.86 26.47 15.89
C TYR A 95 21.81 27.98 16.13
N PHE A 96 21.51 28.40 17.37
CA PHE A 96 21.12 29.78 17.60
C PHE A 96 21.09 30.24 19.06
N SER A 97 22.22 30.84 19.51
CA SER A 97 22.50 31.29 20.88
C SER A 97 23.68 30.48 21.52
N LYS A 112 12.38 30.89 16.88
CA LYS A 112 13.66 30.94 16.15
C LYS A 112 13.68 29.99 14.97
N THR A 113 14.21 30.46 13.83
CA THR A 113 14.39 29.63 12.65
C THR A 113 15.68 30.01 11.94
N CYS A 114 16.19 29.10 11.10
CA CYS A 114 17.43 29.28 10.38
C CYS A 114 17.22 29.25 8.87
N MET A 115 18.06 29.98 8.12
CA MET A 115 18.12 29.84 6.67
C MET A 115 19.52 30.23 6.21
N TYR A 116 19.76 30.16 4.89
CA TYR A 116 21.02 30.58 4.30
C TYR A 116 20.74 31.62 3.21
N GLY A 117 21.56 32.66 3.15
CA GLY A 117 21.49 33.64 2.07
C GLY A 117 20.11 34.29 1.91
N GLY A 118 19.65 34.44 0.67
CA GLY A 118 18.33 34.96 0.38
C GLY A 118 18.21 36.49 0.52
N VAL A 119 19.34 37.19 0.53
CA VAL A 119 19.35 38.60 0.90
C VAL A 119 19.72 39.47 -0.30
N THR A 120 18.87 40.47 -0.56
CA THR A 120 19.09 41.42 -1.65
C THR A 120 18.88 42.84 -1.13
N GLU A 121 19.73 43.79 -1.56
CA GLU A 121 19.53 45.18 -1.21
C GLU A 121 18.11 45.61 -1.59
N HIS A 122 17.40 46.32 -0.71
CA HIS A 122 16.05 46.77 -1.04
C HIS A 122 16.13 47.95 -2.01
N ASN A 123 16.87 48.99 -1.63
CA ASN A 123 16.82 50.23 -2.38
C ASN A 123 17.51 50.12 -3.72
N GLY A 124 16.79 50.53 -4.78
CA GLY A 124 17.33 50.48 -6.13
C GLY A 124 17.06 49.16 -6.84
N ASN A 125 16.45 48.21 -6.13
CA ASN A 125 16.23 46.86 -6.68
C ASN A 125 14.76 46.53 -6.95
N GLN A 126 13.86 47.49 -6.71
CA GLN A 126 12.44 47.25 -6.82
C GLN A 126 11.92 47.57 -8.23
N LEU A 127 11.06 46.69 -8.74
CA LEU A 127 10.41 46.90 -10.03
C LEU A 127 9.01 47.45 -9.82
N ASP A 128 8.59 48.36 -10.72
CA ASP A 128 7.25 48.89 -10.73
C ASP A 128 6.22 47.77 -10.92
N LYS A 129 6.49 46.89 -11.90
CA LYS A 129 5.63 45.77 -12.22
C LYS A 129 6.41 44.49 -12.02
N TYR A 130 5.72 43.41 -11.63
CA TYR A 130 6.41 42.14 -11.45
C TYR A 130 6.98 41.66 -12.79
N ARG A 131 8.12 40.98 -12.70
CA ARG A 131 8.69 40.32 -13.86
C ARG A 131 8.29 38.85 -13.74
N SER A 132 7.98 38.24 -14.89
CA SER A 132 7.69 36.82 -14.98
C SER A 132 8.85 36.10 -15.66
N ILE A 133 9.16 34.89 -15.18
CA ILE A 133 10.21 34.05 -15.72
C ILE A 133 9.56 32.71 -16.00
N THR A 134 9.67 32.23 -17.24
CA THR A 134 8.95 31.06 -17.66
C THR A 134 9.87 29.83 -17.53
N VAL A 135 9.62 29.04 -16.50
CA VAL A 135 10.33 27.78 -16.28
C VAL A 135 9.97 26.78 -17.37
N ARG A 136 11.01 26.17 -17.94
CA ARG A 136 10.85 25.07 -18.93
C ARG A 136 11.17 23.74 -18.23
N VAL A 137 10.20 22.82 -18.22
CA VAL A 137 10.37 21.56 -17.52
C VAL A 137 10.56 20.44 -18.53
N PHE A 138 11.60 19.63 -18.33
CA PHE A 138 11.87 18.48 -19.18
C PHE A 138 11.75 17.20 -18.36
N GLU A 139 11.09 16.19 -18.95
CA GLU A 139 11.06 14.85 -18.37
C GLU A 139 11.69 13.91 -19.38
N ASP A 140 12.78 13.24 -18.97
CA ASP A 140 13.59 12.40 -19.83
C ASP A 140 13.91 13.09 -21.15
N GLY A 141 14.24 14.38 -21.08
CA GLY A 141 14.68 15.13 -22.24
C GLY A 141 13.58 15.86 -23.00
N LYS A 142 12.32 15.56 -22.67
CA LYS A 142 11.17 16.09 -23.39
C LYS A 142 10.43 17.18 -22.60
N ASN A 143 10.16 18.31 -23.28
CA ASN A 143 9.42 19.41 -22.70
C ASN A 143 7.92 19.12 -22.73
N LEU A 144 7.35 18.88 -21.55
CA LEU A 144 5.94 18.60 -21.39
C LEU A 144 5.21 19.77 -20.73
N LEU A 145 5.97 20.66 -20.08
CA LEU A 145 5.37 21.63 -19.18
C LEU A 145 6.22 22.90 -19.11
N SER A 146 5.54 24.06 -19.16
CA SER A 146 6.12 25.35 -18.82
C SER A 146 5.17 26.13 -17.92
N PHE A 147 5.75 27.00 -17.08
CA PHE A 147 4.97 27.77 -16.14
C PHE A 147 5.79 28.97 -15.67
N ASP A 148 5.10 30.01 -15.23
CA ASP A 148 5.75 31.23 -14.79
C ASP A 148 5.93 31.30 -13.28
N VAL A 149 7.07 31.83 -12.86
CA VAL A 149 7.28 32.36 -11.53
C VAL A 149 7.43 33.87 -11.65
N GLN A 150 7.21 34.58 -10.54
CA GLN A 150 7.18 36.04 -10.56
C GLN A 150 8.03 36.62 -9.43
N THR A 151 8.68 37.76 -9.70
CA THR A 151 9.40 38.49 -8.67
C THR A 151 9.33 39.99 -8.92
N ASN A 152 9.50 40.79 -7.86
CA ASN A 152 9.54 42.24 -7.95
C ASN A 152 10.95 42.81 -7.98
N LYS A 153 11.95 41.92 -8.05
CA LYS A 153 13.33 42.26 -7.81
C LYS A 153 14.10 42.25 -9.12
N LYS A 154 14.88 43.31 -9.34
CA LYS A 154 15.77 43.41 -10.48
C LYS A 154 16.84 42.34 -10.42
N LYS A 155 17.49 42.27 -9.26
CA LYS A 155 18.45 41.23 -8.95
C LYS A 155 17.80 40.32 -7.90
N VAL A 156 17.73 39.01 -8.17
CA VAL A 156 16.99 38.10 -7.32
C VAL A 156 17.89 36.90 -7.02
N THR A 157 17.78 36.36 -5.81
CA THR A 157 18.57 35.17 -5.47
C THR A 157 18.08 33.99 -6.29
N ALA A 158 19.04 33.16 -6.70
CA ALA A 158 18.68 31.87 -7.26
C ALA A 158 17.80 31.08 -6.28
N GLN A 159 18.08 31.20 -4.97
CA GLN A 159 17.27 30.54 -3.97
C GLN A 159 15.79 30.86 -4.11
N GLU A 160 15.46 32.16 -4.21
CA GLU A 160 14.07 32.55 -4.36
C GLU A 160 13.43 31.89 -5.58
N LEU A 161 14.13 31.92 -6.72
CA LEU A 161 13.59 31.37 -7.95
C LEU A 161 13.49 29.85 -7.86
N ASP A 162 14.50 29.20 -7.27
CA ASP A 162 14.45 27.77 -7.02
C ASP A 162 13.23 27.39 -6.17
N TYR A 163 13.04 28.08 -5.04
CA TYR A 163 11.90 27.82 -4.18
C TYR A 163 10.59 27.93 -4.95
N LEU A 164 10.41 29.03 -5.68
CA LEU A 164 9.17 29.22 -6.43
C LEU A 164 8.93 28.12 -7.47
N THR A 165 10.00 27.70 -8.15
CA THR A 165 9.92 26.64 -9.14
C THR A 165 9.54 25.30 -8.51
N ARG A 166 10.21 24.95 -7.42
CA ARG A 166 9.94 23.67 -6.76
C ARG A 166 8.56 23.69 -6.11
N HIS A 167 8.14 24.86 -5.63
CA HIS A 167 6.85 24.97 -4.96
C HIS A 167 5.78 24.54 -5.96
N TYR A 168 5.88 25.07 -7.18
CA TYR A 168 4.93 24.74 -8.22
C TYR A 168 4.99 23.24 -8.54
N LEU A 169 6.21 22.70 -8.68
CA LEU A 169 6.37 21.31 -9.08
C LEU A 169 5.93 20.32 -8.00
N VAL A 170 6.05 20.71 -6.72
CA VAL A 170 5.56 19.87 -5.63
C VAL A 170 4.03 19.80 -5.68
N LYS A 171 3.39 20.97 -5.82
CA LYS A 171 1.94 21.06 -5.89
C LYS A 171 1.37 20.30 -7.08
N ASN A 172 1.99 20.46 -8.25
CA ASN A 172 1.38 20.08 -9.51
C ASN A 172 1.92 18.80 -10.15
N LYS A 173 3.17 18.44 -9.83
CA LYS A 173 3.83 17.29 -10.42
C LYS A 173 4.32 16.29 -9.39
N LYS A 174 3.95 16.49 -8.12
CA LYS A 174 4.35 15.61 -7.04
C LYS A 174 5.86 15.39 -7.03
N LEU A 175 6.61 16.48 -7.23
CA LEU A 175 8.06 16.41 -7.29
C LEU A 175 8.64 15.66 -6.09
N TYR A 176 8.13 16.01 -4.90
CA TYR A 176 8.46 15.33 -3.67
C TYR A 176 7.17 14.85 -3.03
N GLU A 177 7.17 13.58 -2.59
CA GLU A 177 6.07 13.01 -1.85
C GLU A 177 6.54 12.62 -0.45
N PHE A 178 5.60 12.13 0.37
CA PHE A 178 5.92 11.78 1.74
C PHE A 178 7.07 10.77 1.80
N ASN A 179 7.01 9.75 0.96
CA ASN A 179 8.05 8.68 1.07
C ASN A 179 9.20 8.86 0.08
N ASN A 180 8.88 9.12 -1.19
CA ASN A 180 9.96 9.33 -2.17
C ASN A 180 9.51 10.26 -3.30
N SER A 181 10.19 10.22 -4.45
CA SER A 181 9.70 10.96 -5.64
C SER A 181 9.36 10.07 -6.84
N PRO A 182 8.39 10.46 -7.70
CA PRO A 182 8.21 9.78 -8.98
C PRO A 182 9.39 9.97 -9.92
N TYR A 183 10.29 10.92 -9.61
CA TYR A 183 11.48 11.17 -10.41
C TYR A 183 12.75 10.57 -9.81
N GLU A 184 13.60 9.99 -10.67
CA GLU A 184 14.86 9.43 -10.24
C GLU A 184 15.93 10.51 -10.02
N THR A 185 16.09 11.40 -11.02
CA THR A 185 16.99 12.53 -10.88
C THR A 185 16.28 13.84 -11.22
N GLY A 186 16.84 14.93 -10.71
CA GLY A 186 16.38 16.26 -11.10
C GLY A 186 17.47 17.28 -10.86
N TYR A 187 17.63 18.18 -11.82
CA TYR A 187 18.41 19.39 -11.57
C TYR A 187 17.72 20.61 -12.15
N ILE A 188 17.98 21.74 -11.49
CA ILE A 188 17.46 23.03 -11.92
C ILE A 188 18.64 23.84 -12.42
N LYS A 189 18.49 24.39 -13.63
CA LYS A 189 19.57 25.10 -14.32
C LYS A 189 19.14 26.53 -14.55
N PHE A 190 20.01 27.46 -14.15
CA PHE A 190 19.82 28.88 -14.36
C PHE A 190 20.80 29.33 -15.46
N ILE A 191 20.27 30.07 -16.44
CA ILE A 191 21.07 30.53 -17.58
C ILE A 191 20.97 32.05 -17.68
N GLU A 192 22.12 32.70 -17.67
CA GLU A 192 22.17 34.17 -17.84
C GLU A 192 23.10 34.43 -19.03
N ASN A 193 22.52 34.60 -20.23
CA ASN A 193 23.36 34.79 -21.43
C ASN A 193 24.27 33.57 -21.59
N GLU A 194 25.55 33.81 -21.75
CA GLU A 194 26.57 32.72 -21.90
C GLU A 194 26.64 31.84 -20.64
N ASN A 195 26.55 32.42 -19.44
CA ASN A 195 26.83 31.63 -18.20
C ASN A 195 25.64 30.88 -17.60
N SER A 196 25.90 29.69 -17.07
CA SER A 196 24.88 28.90 -16.40
C SER A 196 25.43 28.18 -15.17
N PHE A 197 24.51 27.70 -14.34
CA PHE A 197 24.85 26.93 -13.15
C PHE A 197 23.59 26.16 -12.75
N TRP A 198 23.76 25.13 -11.92
CA TRP A 198 22.67 24.23 -11.61
C TRP A 198 22.79 23.64 -10.20
N TYR A 199 21.62 23.25 -9.67
CA TYR A 199 21.51 22.59 -8.38
C TYR A 199 20.85 21.22 -8.50
N ASP A 200 21.38 20.26 -7.74
CA ASP A 200 20.80 18.93 -7.68
C ASP A 200 19.59 19.03 -6.75
N MET A 201 18.45 18.53 -7.24
CA MET A 201 17.17 18.70 -6.56
C MET A 201 16.85 17.51 -5.64
N MET A 202 17.70 16.48 -5.70
CA MET A 202 17.42 15.23 -5.00
C MET A 202 18.34 15.08 -3.79
N PRO A 203 17.87 14.35 -2.75
CA PRO A 203 18.69 14.10 -1.56
C PRO A 203 19.86 13.16 -1.82
N ALA A 204 20.93 13.36 -1.04
CA ALA A 204 22.04 12.44 -0.98
C ALA A 204 21.54 11.05 -0.57
N PRO A 205 22.24 9.97 -0.96
CA PRO A 205 21.80 8.61 -0.66
C PRO A 205 21.89 8.26 0.81
N GLY A 206 21.16 7.22 1.22
CA GLY A 206 21.13 6.78 2.61
C GLY A 206 19.76 7.01 3.24
N ASP A 207 19.65 6.83 4.55
CA ASP A 207 18.37 6.81 5.22
C ASP A 207 18.04 8.11 5.95
N LYS A 208 18.98 9.05 5.93
CA LYS A 208 18.78 10.33 6.61
C LYS A 208 18.86 11.47 5.59
N PHE A 209 17.99 12.47 5.78
CA PHE A 209 18.09 13.72 5.05
C PHE A 209 18.32 14.81 6.08
N ASP A 210 19.44 15.54 5.93
CA ASP A 210 19.79 16.63 6.81
C ASP A 210 19.46 17.94 6.09
N GLN A 211 18.40 18.62 6.55
CA GLN A 211 17.94 19.85 5.93
C GLN A 211 19.00 20.96 5.97
N SER A 212 19.69 21.11 7.10
CA SER A 212 20.68 22.17 7.22
C SER A 212 21.82 21.96 6.21
N LYS A 213 22.22 20.72 5.98
CA LYS A 213 23.29 20.44 5.03
C LYS A 213 22.86 20.72 3.59
N TYR A 214 21.63 20.36 3.27
CA TYR A 214 21.11 20.50 1.92
C TYR A 214 21.01 21.98 1.56
N LEU A 215 20.39 22.74 2.46
CA LEU A 215 20.11 24.14 2.24
C LEU A 215 21.36 25.02 2.22
N MET A 216 22.44 24.54 2.82
CA MET A 216 23.68 25.32 2.84
C MET A 216 24.13 25.71 1.43
N MET A 217 23.67 25.02 0.39
CA MET A 217 24.00 25.38 -0.98
C MET A 217 23.61 26.83 -1.29
N TYR A 218 22.64 27.37 -0.56
CA TYR A 218 22.19 28.73 -0.76
C TYR A 218 23.02 29.80 -0.06
N ASN A 219 24.03 29.41 0.72
CA ASN A 219 24.76 30.34 1.57
C ASN A 219 25.70 31.28 0.79
N ASP A 220 25.83 31.06 -0.53
CA ASP A 220 26.67 31.92 -1.35
C ASP A 220 25.94 33.19 -1.77
N ASN A 221 24.64 33.25 -1.45
CA ASN A 221 23.78 34.38 -1.78
C ASN A 221 23.77 34.66 -3.27
N LYS A 222 23.89 33.61 -4.08
CA LYS A 222 23.98 33.76 -5.52
C LYS A 222 22.77 34.51 -6.08
N MET A 223 23.06 35.53 -6.89
CA MET A 223 22.04 36.39 -7.46
C MET A 223 22.05 36.31 -8.99
N VAL A 224 20.87 36.51 -9.59
CA VAL A 224 20.72 36.55 -11.04
C VAL A 224 19.91 37.79 -11.41
N ASP A 225 20.00 38.20 -12.68
CA ASP A 225 19.16 39.26 -13.20
C ASP A 225 17.82 38.67 -13.63
N SER A 226 16.73 39.22 -13.10
CA SER A 226 15.41 38.65 -13.33
C SER A 226 14.89 38.84 -14.76
N LYS A 227 15.46 39.80 -15.51
CA LYS A 227 15.11 39.99 -16.90
C LYS A 227 15.81 39.00 -17.82
N ASP A 228 17.08 38.70 -17.52
CA ASP A 228 17.89 37.90 -18.42
C ASP A 228 17.84 36.40 -18.10
N VAL A 229 17.53 36.04 -16.85
CA VAL A 229 17.69 34.66 -16.44
C VAL A 229 16.64 33.79 -17.12
N LYS A 230 17.08 32.59 -17.52
CA LYS A 230 16.19 31.53 -17.92
C LYS A 230 16.33 30.36 -16.94
N ILE A 231 15.23 29.63 -16.74
CA ILE A 231 15.21 28.49 -15.83
C ILE A 231 14.77 27.26 -16.61
N GLU A 232 15.59 26.22 -16.51
CA GLU A 232 15.29 24.93 -17.11
C GLU A 232 15.40 23.89 -16.01
N VAL A 233 14.40 22.99 -15.93
CA VAL A 233 14.41 21.92 -14.96
C VAL A 233 14.43 20.61 -15.74
N TYR A 234 15.38 19.72 -15.41
CA TYR A 234 15.53 18.45 -16.11
C TYR A 234 15.32 17.32 -15.09
N LEU A 235 14.27 16.54 -15.32
CA LEU A 235 13.86 15.45 -14.48
C LEU A 235 14.00 14.16 -15.28
N THR A 236 14.35 13.06 -14.60
CA THR A 236 14.25 11.74 -15.21
C THR A 236 13.28 10.88 -14.42
N THR A 237 12.56 10.00 -15.14
CA THR A 237 11.57 9.14 -14.53
C THR A 237 12.25 7.83 -14.14
N LYS A 238 11.56 7.05 -13.33
CA LYS A 238 12.05 5.75 -12.88
C LYS A 238 11.70 4.69 -13.92
N GLN B 1 0.84 32.30 23.22
CA GLN B 1 1.18 31.06 23.90
C GLN B 1 0.42 29.87 23.29
N VAL B 2 1.11 28.73 23.16
CA VAL B 2 0.56 27.56 22.49
C VAL B 2 -0.63 27.06 23.31
N GLN B 3 -1.77 26.84 22.62
CA GLN B 3 -2.95 26.21 23.23
C GLN B 3 -3.60 25.22 22.28
N LEU B 4 -4.08 24.10 22.84
CA LEU B 4 -4.87 23.11 22.13
C LEU B 4 -6.11 22.87 23.00
N VAL B 5 -7.30 23.07 22.42
CA VAL B 5 -8.57 22.86 23.13
C VAL B 5 -9.43 21.86 22.36
N GLU B 6 -9.59 20.65 22.92
CA GLU B 6 -10.46 19.64 22.34
C GLU B 6 -11.93 19.92 22.65
N SER B 7 -12.81 19.65 21.68
CA SER B 7 -14.25 19.71 21.87
C SER B 7 -14.97 18.55 21.18
N GLY B 8 -16.28 18.44 21.42
CA GLY B 8 -17.08 17.38 20.85
C GLY B 8 -17.07 16.14 21.73
N GLY B 9 -16.79 14.98 21.12
CA GLY B 9 -16.82 13.71 21.82
C GLY B 9 -18.21 13.42 22.37
N GLY B 10 -18.26 12.66 23.47
CA GLY B 10 -19.50 12.44 24.19
C GLY B 10 -19.81 10.96 24.43
N LEU B 11 -21.11 10.66 24.55
CA LEU B 11 -21.63 9.36 24.94
C LEU B 11 -22.43 8.76 23.78
N VAL B 12 -22.23 7.47 23.53
CA VAL B 12 -22.93 6.78 22.44
C VAL B 12 -23.04 5.29 22.76
N GLN B 13 -24.00 4.61 22.14
CA GLN B 13 -24.11 3.16 22.24
C GLN B 13 -23.06 2.48 21.36
N PRO B 14 -22.64 1.23 21.68
CA PRO B 14 -21.77 0.47 20.79
C PRO B 14 -22.29 0.47 19.36
N GLY B 15 -21.37 0.61 18.39
CA GLY B 15 -21.72 0.70 16.98
C GLY B 15 -21.94 2.12 16.48
N GLY B 16 -22.06 3.08 17.41
CA GLY B 16 -22.35 4.46 17.06
C GLY B 16 -21.10 5.24 16.63
N SER B 17 -21.29 6.54 16.39
CA SER B 17 -20.27 7.44 15.88
C SER B 17 -20.24 8.72 16.72
N LEU B 18 -19.05 9.30 16.84
CA LEU B 18 -18.82 10.59 17.46
C LEU B 18 -17.73 11.33 16.67
N ARG B 19 -17.57 12.59 17.01
CA ARG B 19 -16.54 13.41 16.32
C ARG B 19 -15.81 14.29 17.35
N LEU B 20 -14.51 14.43 17.15
CA LEU B 20 -13.69 15.29 17.97
C LEU B 20 -13.13 16.42 17.12
N SER B 21 -12.96 17.58 17.77
CA SER B 21 -12.41 18.76 17.15
C SER B 21 -11.36 19.33 18.09
N CYS B 22 -10.28 19.87 17.52
CA CYS B 22 -9.28 20.54 18.33
C CYS B 22 -8.88 21.87 17.69
N ALA B 23 -9.15 22.97 18.42
CA ALA B 23 -8.82 24.31 17.95
C ALA B 23 -7.43 24.67 18.45
N ALA B 24 -6.52 25.00 17.52
CA ALA B 24 -5.15 25.33 17.84
C ALA B 24 -4.95 26.84 17.78
N SER B 25 -4.16 27.38 18.71
CA SER B 25 -3.80 28.78 18.69
C SER B 25 -2.38 28.97 19.24
N GLY B 26 -1.75 30.09 18.86
CA GLY B 26 -0.42 30.42 19.33
C GLY B 26 0.72 29.75 18.56
N PHE B 27 0.38 29.09 17.45
CA PHE B 27 1.36 28.54 16.53
C PHE B 27 0.69 28.24 15.20
N ALA B 28 1.50 28.03 14.15
CA ALA B 28 0.98 27.67 12.84
C ALA B 28 0.86 26.15 12.77
N LEU B 29 -0.38 25.65 12.69
CA LEU B 29 -0.62 24.22 12.59
C LEU B 29 0.18 23.62 11.43
N SER B 30 0.22 24.35 10.31
CA SER B 30 0.86 23.88 9.09
C SER B 30 2.34 23.48 9.20
N LEU B 31 3.02 23.91 10.27
CA LEU B 31 4.41 23.51 10.50
C LEU B 31 4.57 22.14 11.13
N TYR B 32 3.45 21.54 11.58
CA TYR B 32 3.52 20.43 12.52
C TYR B 32 2.68 19.22 12.10
N VAL B 33 3.32 18.04 12.17
CA VAL B 33 2.58 16.80 12.33
C VAL B 33 1.71 16.92 13.59
N MET B 34 0.48 16.41 13.50
CA MET B 34 -0.46 16.44 14.60
C MET B 34 -1.01 15.03 14.83
N SER B 35 -1.34 14.72 16.08
CA SER B 35 -1.75 13.37 16.46
C SER B 35 -2.93 13.40 17.43
N TRP B 36 -3.67 12.28 17.48
CA TRP B 36 -4.58 11.99 18.57
C TRP B 36 -4.00 10.85 19.40
N VAL B 37 -4.06 11.02 20.72
CA VAL B 37 -3.67 9.97 21.65
C VAL B 37 -4.83 9.85 22.64
N ARG B 38 -4.98 8.68 23.24
CA ARG B 38 -6.05 8.50 24.21
C ARG B 38 -5.53 7.84 25.48
N GLN B 39 -6.27 8.03 26.58
CA GLN B 39 -5.96 7.39 27.85
C GLN B 39 -7.25 6.80 28.40
N ALA B 40 -7.35 5.47 28.32
CA ALA B 40 -8.48 4.71 28.83
C ALA B 40 -8.30 4.48 30.33
N PRO B 41 -9.37 4.20 31.10
CA PRO B 41 -9.25 4.04 32.55
C PRO B 41 -8.23 2.95 32.92
N GLY B 42 -7.32 3.28 33.84
CA GLY B 42 -6.30 2.35 34.30
C GLY B 42 -5.31 1.89 33.22
N GLU B 43 -5.06 2.76 32.24
CA GLU B 43 -4.14 2.48 31.16
C GLU B 43 -3.17 3.64 30.96
N GLY B 44 -2.05 3.36 30.31
CA GLY B 44 -1.15 4.41 29.84
C GLY B 44 -1.66 5.00 28.53
N ARG B 45 -1.11 6.18 28.18
CA ARG B 45 -1.34 6.81 26.89
C ARG B 45 -1.19 5.81 25.74
N GLU B 46 -2.11 5.90 24.77
CA GLU B 46 -2.09 5.06 23.58
C GLU B 46 -2.19 5.99 22.37
N TRP B 47 -1.22 5.85 21.46
CA TRP B 47 -1.30 6.52 20.17
C TRP B 47 -2.45 5.99 19.31
N VAL B 48 -3.25 6.93 18.78
CA VAL B 48 -4.41 6.59 17.98
C VAL B 48 -4.20 6.88 16.50
N SER B 49 -3.77 8.11 16.18
CA SER B 49 -3.61 8.51 14.79
C SER B 49 -2.70 9.72 14.62
N SER B 50 -2.07 9.83 13.44
CA SER B 50 -1.29 11.00 13.10
C SER B 50 -1.57 11.46 11.66
N ILE B 51 -1.36 12.75 11.41
CA ILE B 51 -1.49 13.30 10.07
C ILE B 51 -0.34 14.29 9.84
N ASN B 52 0.26 14.23 8.66
CA ASN B 52 1.37 15.12 8.31
C ASN B 52 0.84 16.53 8.03
N SER B 53 1.76 17.49 7.91
CA SER B 53 1.39 18.89 7.81
C SER B 53 0.49 19.17 6.61
N GLY B 54 0.82 18.56 5.47
CA GLY B 54 0.09 18.74 4.23
C GLY B 54 -1.35 18.20 4.29
N GLY B 55 -1.50 17.02 4.91
CA GLY B 55 -2.78 16.34 4.97
C GLY B 55 -2.83 15.09 4.10
N SER B 56 -1.74 14.85 3.35
CA SER B 56 -1.70 13.78 2.37
C SER B 56 -1.50 12.40 3.00
N THR B 57 -0.90 12.36 4.20
CA THR B 57 -0.48 11.11 4.81
C THR B 57 -1.07 10.98 6.21
N THR B 58 -1.79 9.88 6.44
CA THR B 58 -2.38 9.59 7.73
C THR B 58 -1.89 8.21 8.15
N ALA B 59 -1.82 8.01 9.47
CA ALA B 59 -1.53 6.71 10.06
C ALA B 59 -2.47 6.46 11.24
N TYR B 60 -2.76 5.17 11.47
CA TYR B 60 -3.69 4.73 12.50
C TYR B 60 -3.14 3.54 13.27
N ALA B 61 -3.45 3.47 14.57
CA ALA B 61 -3.29 2.24 15.33
C ALA B 61 -4.14 1.13 14.73
N ASP B 62 -3.63 -0.11 14.81
CA ASP B 62 -4.32 -1.29 14.33
C ASP B 62 -5.75 -1.38 14.87
N SER B 63 -5.89 -1.10 16.16
CA SER B 63 -7.16 -1.23 16.86
C SER B 63 -8.25 -0.30 16.34
N VAL B 64 -7.88 0.80 15.66
CA VAL B 64 -8.87 1.73 15.15
C VAL B 64 -8.90 1.85 13.63
N LYS B 65 -7.96 1.21 12.93
CA LYS B 65 -7.84 1.36 11.49
C LYS B 65 -9.12 0.92 10.80
N GLY B 66 -9.63 1.75 9.88
CA GLY B 66 -10.88 1.49 9.19
C GLY B 66 -12.13 2.04 9.87
N ARG B 67 -12.01 2.37 11.16
CA ARG B 67 -13.12 2.91 11.93
C ARG B 67 -12.99 4.41 12.20
N PHE B 68 -11.75 4.89 12.38
CA PHE B 68 -11.50 6.30 12.67
C PHE B 68 -10.85 6.98 11.48
N THR B 69 -11.10 8.30 11.36
CA THR B 69 -10.51 9.13 10.31
C THR B 69 -10.01 10.43 10.92
N ILE B 70 -8.72 10.72 10.71
CA ILE B 70 -8.10 11.96 11.13
C ILE B 70 -8.09 12.90 9.94
N SER B 71 -8.29 14.19 10.18
CA SER B 71 -8.20 15.20 9.14
C SER B 71 -7.78 16.52 9.79
N ARG B 72 -7.42 17.50 8.97
CA ARG B 72 -6.96 18.77 9.49
C ARG B 72 -7.38 19.89 8.54
N ASP B 73 -7.39 21.12 9.09
CA ASP B 73 -7.66 22.31 8.31
C ASP B 73 -6.70 23.37 8.85
N ASN B 74 -5.55 23.50 8.18
CA ASN B 74 -4.51 24.42 8.57
C ASN B 74 -4.95 25.88 8.57
N ALA B 75 -5.80 26.25 7.60
CA ALA B 75 -6.32 27.61 7.51
C ALA B 75 -7.16 27.97 8.74
N LYS B 76 -7.94 27.01 9.23
CA LYS B 76 -8.73 27.20 10.43
C LYS B 76 -7.98 26.74 11.69
N ASN B 77 -6.77 26.21 11.50
CA ASN B 77 -5.93 25.78 12.62
C ASN B 77 -6.63 24.74 13.48
N THR B 78 -7.28 23.78 12.82
CA THR B 78 -8.08 22.78 13.51
C THR B 78 -7.71 21.36 13.06
N LEU B 79 -7.75 20.43 14.02
CA LEU B 79 -7.56 19.01 13.79
C LEU B 79 -8.87 18.31 14.14
N TYR B 80 -9.20 17.25 13.38
CA TYR B 80 -10.46 16.56 13.55
C TYR B 80 -10.19 15.06 13.72
N LEU B 81 -11.12 14.37 14.37
CA LEU B 81 -11.12 12.92 14.38
C LEU B 81 -12.58 12.49 14.25
N GLN B 82 -12.85 11.62 13.27
CA GLN B 82 -14.16 11.00 13.11
C GLN B 82 -14.07 9.61 13.70
N LEU B 83 -14.95 9.29 14.66
CA LEU B 83 -14.93 7.98 15.30
C LEU B 83 -16.19 7.22 14.90
N ASN B 84 -16.02 6.14 14.12
CA ASN B 84 -17.14 5.30 13.71
C ASN B 84 -17.05 3.91 14.31
N SER B 85 -18.17 3.18 14.25
CA SER B 85 -18.25 1.80 14.73
C SER B 85 -17.60 1.63 16.10
N LEU B 86 -17.99 2.50 17.05
CA LEU B 86 -17.37 2.53 18.35
C LEU B 86 -17.62 1.27 19.21
N LYS B 87 -16.60 0.94 20.00
CA LYS B 87 -16.57 -0.23 20.85
C LYS B 87 -16.28 0.26 22.27
N THR B 88 -16.61 -0.58 23.27
CA THR B 88 -16.44 -0.19 24.67
C THR B 88 -14.97 0.13 24.96
N GLU B 89 -14.06 -0.65 24.35
CA GLU B 89 -12.62 -0.43 24.47
C GLU B 89 -12.16 0.96 24.03
N ASP B 90 -12.99 1.68 23.24
CA ASP B 90 -12.66 3.02 22.78
C ASP B 90 -12.96 4.11 23.81
N THR B 91 -13.64 3.74 24.91
CA THR B 91 -13.88 4.69 25.98
C THR B 91 -12.56 5.20 26.53
N ALA B 92 -12.39 6.52 26.56
CA ALA B 92 -11.15 7.14 27.02
C ALA B 92 -11.25 8.66 26.95
N MET B 93 -10.31 9.33 27.61
CA MET B 93 -10.02 10.74 27.36
C MET B 93 -9.18 10.79 26.09
N TYR B 94 -9.56 11.65 25.15
CA TYR B 94 -8.82 11.80 23.90
C TYR B 94 -8.09 13.14 23.93
N TYR B 95 -6.82 13.13 23.49
CA TYR B 95 -6.01 14.33 23.49
C TYR B 95 -5.42 14.61 22.11
N CYS B 96 -5.49 15.89 21.71
CA CYS B 96 -4.81 16.38 20.53
C CYS B 96 -3.37 16.72 20.92
N ALA B 97 -2.40 16.21 20.14
CA ALA B 97 -0.99 16.36 20.48
C ALA B 97 -0.20 16.93 19.29
N LYS B 98 0.67 17.91 19.60
CA LYS B 98 1.49 18.58 18.61
C LYS B 98 2.90 17.98 18.57
N SER B 99 3.41 17.71 17.37
CA SER B 99 4.79 17.30 17.22
C SER B 99 5.72 18.32 17.88
N LYS B 100 6.80 17.82 18.46
CA LYS B 100 7.87 18.65 19.00
C LYS B 100 8.75 19.28 17.91
N TYR B 101 8.64 18.74 16.68
CA TYR B 101 9.57 19.07 15.59
C TYR B 101 8.89 19.85 14.48
N PRO B 102 9.03 21.19 14.42
CA PRO B 102 8.51 21.94 13.28
C PRO B 102 9.26 21.58 12.01
N LYS B 103 8.49 21.36 10.93
CA LYS B 103 9.04 21.16 9.60
C LYS B 103 10.04 20.01 9.52
N TYR B 104 9.78 18.94 10.28
CA TYR B 104 10.66 17.78 10.28
C TYR B 104 9.95 16.58 10.90
N VAL B 105 10.17 15.41 10.30
CA VAL B 105 9.52 14.16 10.66
C VAL B 105 10.60 13.11 10.80
N PRO B 106 11.12 12.85 12.02
CA PRO B 106 12.13 11.81 12.22
C PRO B 106 11.61 10.39 12.08
N THR B 107 10.35 10.18 12.46
CA THR B 107 9.80 8.84 12.53
C THR B 107 8.37 8.83 11.99
N TRP B 108 8.02 7.79 11.23
CA TRP B 108 6.63 7.59 10.85
C TRP B 108 6.26 6.12 11.02
N PRO B 109 5.15 5.81 11.72
CA PRO B 109 4.37 6.80 12.47
C PRO B 109 5.14 7.47 13.60
N PRO B 110 4.72 8.67 14.06
CA PRO B 110 5.39 9.32 15.18
C PRO B 110 5.31 8.53 16.47
N LEU B 111 6.33 8.68 17.31
CA LEU B 111 6.36 8.08 18.63
C LEU B 111 5.65 9.00 19.63
N LEU B 112 5.10 8.41 20.69
CA LEU B 112 4.39 9.19 21.69
C LEU B 112 5.22 10.35 22.23
N ASP B 113 6.52 10.10 22.47
CA ASP B 113 7.40 11.11 23.04
C ASP B 113 7.88 12.19 22.05
N GLU B 114 7.42 12.12 20.80
CA GLU B 114 7.79 13.10 19.79
C GLU B 114 6.75 14.21 19.67
N HIS B 115 5.96 14.36 20.73
CA HIS B 115 4.99 15.43 20.88
C HIS B 115 5.37 16.15 22.17
N ASP B 116 5.16 17.46 22.22
CA ASP B 116 5.55 18.25 23.39
C ASP B 116 4.47 19.18 23.93
N TYR B 117 3.25 19.12 23.36
CA TYR B 117 2.13 19.83 23.93
C TYR B 117 0.84 19.05 23.68
N TRP B 118 -0.06 19.10 24.67
CA TRP B 118 -1.32 18.39 24.68
C TRP B 118 -2.40 19.32 25.21
N GLY B 119 -3.65 19.12 24.80
CA GLY B 119 -4.78 19.84 25.37
C GLY B 119 -5.27 19.17 26.65
N GLN B 120 -6.32 19.74 27.26
CA GLN B 120 -6.93 19.20 28.46
C GLN B 120 -7.65 17.87 28.20
N GLY B 121 -8.03 17.63 26.94
CA GLY B 121 -8.61 16.37 26.51
C GLY B 121 -10.13 16.42 26.44
N ILE B 122 -10.74 15.43 25.77
CA ILE B 122 -12.19 15.35 25.62
C ILE B 122 -12.63 13.92 25.84
N GLN B 123 -13.73 13.73 26.60
CA GLN B 123 -14.19 12.40 26.98
C GLN B 123 -15.01 11.77 25.87
N VAL B 124 -14.72 10.49 25.60
CA VAL B 124 -15.50 9.63 24.75
C VAL B 124 -15.92 8.45 25.61
N THR B 125 -17.24 8.19 25.70
CA THR B 125 -17.74 7.02 26.40
C THR B 125 -18.67 6.21 25.50
N VAL B 126 -18.39 4.91 25.36
CA VAL B 126 -19.28 4.01 24.66
C VAL B 126 -19.97 3.26 25.79
N SER B 127 -21.25 3.59 26.06
CA SER B 127 -21.90 3.10 27.27
C SER B 127 -22.26 1.63 27.10
N SER B 128 -21.89 0.80 28.09
CA SER B 128 -22.03 -0.64 27.96
C SER B 128 -23.50 -1.05 28.14
N GLU C 2 16.63 -12.61 -24.57
CA GLU C 2 16.51 -13.76 -25.45
C GLU C 2 15.12 -14.39 -25.33
N SER C 3 14.80 -15.27 -26.28
CA SER C 3 13.56 -16.04 -26.27
C SER C 3 13.82 -17.43 -25.70
N GLN C 4 12.91 -17.91 -24.82
CA GLN C 4 13.04 -19.21 -24.20
C GLN C 4 12.81 -20.32 -25.22
N PRO C 5 13.70 -21.34 -25.34
CA PRO C 5 13.39 -22.52 -26.15
C PRO C 5 12.08 -23.16 -25.70
N ASP C 6 11.26 -23.58 -26.66
CA ASP C 6 10.00 -24.24 -26.34
C ASP C 6 10.27 -25.58 -25.67
N PRO C 7 9.27 -26.18 -24.97
CA PRO C 7 9.49 -27.43 -24.25
C PRO C 7 10.07 -28.56 -25.09
N LYS C 8 11.11 -29.21 -24.53
CA LYS C 8 11.72 -30.39 -25.11
C LYS C 8 10.80 -31.61 -25.02
N PRO C 9 11.20 -32.75 -25.63
CA PRO C 9 10.52 -34.02 -25.36
C PRO C 9 10.70 -34.36 -23.88
N ASP C 10 9.59 -34.72 -23.22
CA ASP C 10 9.63 -35.23 -21.86
C ASP C 10 10.10 -34.19 -20.85
N GLU C 11 10.12 -32.91 -21.24
CA GLU C 11 10.43 -31.84 -20.31
C GLU C 11 9.19 -31.46 -19.50
N LEU C 12 8.01 -31.58 -20.11
CA LEU C 12 6.78 -31.19 -19.46
C LEU C 12 6.34 -32.22 -18.42
N HIS C 13 5.88 -31.74 -17.26
CA HIS C 13 5.30 -32.61 -16.25
C HIS C 13 4.08 -33.35 -16.78
N LYS C 14 3.98 -34.64 -16.44
CA LYS C 14 2.85 -35.46 -16.83
C LYS C 14 1.88 -35.63 -15.67
N SER C 15 0.62 -35.28 -15.88
CA SER C 15 -0.37 -35.33 -14.81
C SER C 15 -0.58 -36.76 -14.29
N SER C 16 -0.42 -37.75 -15.18
CA SER C 16 -0.57 -39.14 -14.79
C SER C 16 0.51 -39.61 -13.81
N LYS C 17 1.64 -38.90 -13.77
CA LYS C 17 2.71 -39.17 -12.82
C LYS C 17 2.59 -38.42 -11.49
N PHE C 18 1.58 -37.56 -11.38
CA PHE C 18 1.21 -36.92 -10.12
C PHE C 18 0.05 -37.73 -9.54
N THR C 19 0.23 -38.22 -8.31
CA THR C 19 -0.73 -39.13 -7.71
C THR C 19 -1.43 -38.56 -6.48
N GLY C 20 -1.20 -37.27 -6.20
CA GLY C 20 -1.88 -36.59 -5.11
C GLY C 20 -3.20 -36.01 -5.60
N LEU C 21 -3.76 -35.06 -4.83
CA LEU C 21 -5.03 -34.44 -5.18
C LEU C 21 -4.80 -33.18 -6.01
N MET C 22 -5.34 -33.18 -7.24
CA MET C 22 -5.16 -32.09 -8.16
C MET C 22 -5.96 -30.89 -7.68
N GLU C 23 -6.93 -31.13 -6.78
CA GLU C 23 -7.62 -30.09 -6.03
C GLU C 23 -6.68 -29.00 -5.51
N ASN C 24 -5.49 -29.40 -5.07
CA ASN C 24 -4.54 -28.42 -4.45
C ASN C 24 -3.96 -27.49 -5.52
N MET C 25 -3.94 -27.92 -6.78
CA MET C 25 -3.67 -27.02 -7.89
C MET C 25 -4.93 -26.27 -8.30
N LYS C 26 -6.05 -26.99 -8.45
CA LYS C 26 -7.30 -26.39 -8.86
C LYS C 26 -7.64 -25.11 -8.06
N VAL C 27 -7.51 -25.17 -6.72
CA VAL C 27 -7.94 -24.09 -5.84
C VAL C 27 -7.17 -22.79 -6.05
N LEU C 28 -5.99 -22.89 -6.64
CA LEU C 28 -5.16 -21.75 -6.98
C LEU C 28 -5.71 -20.97 -8.17
N TYR C 29 -6.52 -21.64 -9.00
CA TYR C 29 -7.06 -21.04 -10.20
C TYR C 29 -8.60 -21.05 -10.22
N ASP C 30 -9.20 -21.13 -9.03
CA ASP C 30 -10.62 -20.90 -8.81
C ASP C 30 -10.83 -19.42 -8.54
N ASP C 31 -12.04 -19.04 -8.08
CA ASP C 31 -12.40 -17.65 -7.93
C ASP C 31 -11.51 -16.85 -6.97
N ASN C 32 -11.08 -17.46 -5.85
CA ASN C 32 -10.30 -16.74 -4.86
C ASN C 32 -8.94 -16.33 -5.42
N HIS C 33 -8.61 -15.03 -5.29
CA HIS C 33 -7.31 -14.52 -5.66
C HIS C 33 -7.14 -13.16 -5.01
N VAL C 34 -5.91 -12.63 -5.04
CA VAL C 34 -5.64 -11.30 -4.54
C VAL C 34 -5.78 -10.32 -5.70
N SER C 35 -6.50 -9.22 -5.45
CA SER C 35 -6.53 -8.11 -6.38
C SER C 35 -6.75 -6.84 -5.56
N ALA C 36 -5.77 -5.93 -5.61
CA ALA C 36 -5.86 -4.67 -4.92
C ALA C 36 -5.42 -3.55 -5.87
N ILE C 37 -6.13 -2.42 -5.80
CA ILE C 37 -5.85 -1.28 -6.68
C ILE C 37 -5.34 -0.13 -5.84
N ASN C 38 -4.19 0.42 -6.25
CA ASN C 38 -3.63 1.64 -5.69
C ASN C 38 -3.37 1.52 -4.19
N VAL C 39 -2.52 0.56 -3.81
CA VAL C 39 -2.12 0.37 -2.42
C VAL C 39 -0.61 0.46 -2.25
N LYS C 40 -0.17 0.65 -1.01
CA LYS C 40 1.25 0.82 -0.69
C LYS C 40 1.63 -0.12 0.44
N SER C 41 2.84 -0.70 0.37
CA SER C 41 3.29 -1.61 1.40
C SER C 41 3.33 -0.92 2.76
N ILE C 42 2.99 -1.66 3.81
CA ILE C 42 2.98 -1.13 5.17
C ILE C 42 4.00 -1.81 6.07
N ASP C 43 4.63 -2.89 5.59
CA ASP C 43 5.57 -3.61 6.43
C ASP C 43 6.43 -4.50 5.53
N GLN C 44 7.36 -5.21 6.15
CA GLN C 44 8.29 -6.06 5.46
C GLN C 44 8.77 -7.07 6.50
N PHE C 45 8.82 -8.35 6.12
CA PHE C 45 9.33 -9.39 6.99
C PHE C 45 10.79 -9.67 6.64
N LEU C 46 11.02 -10.36 5.50
CA LEU C 46 12.35 -10.57 4.96
C LEU C 46 12.62 -9.51 3.90
N TYR C 47 13.89 -9.35 3.51
CA TYR C 47 14.34 -8.21 2.73
C TYR C 47 13.89 -8.36 1.27
N PHE C 48 13.36 -9.54 0.91
CA PHE C 48 12.84 -9.76 -0.43
C PHE C 48 11.31 -9.82 -0.50
N ASP C 49 10.63 -9.42 0.59
CA ASP C 49 9.18 -9.36 0.55
C ASP C 49 8.67 -7.97 0.92
N LEU C 50 7.37 -7.78 0.69
CA LEU C 50 6.62 -6.59 1.10
C LEU C 50 5.27 -7.07 1.63
N ILE C 51 4.78 -6.42 2.68
CA ILE C 51 3.51 -6.78 3.29
C ILE C 51 2.49 -5.70 2.99
N TYR C 52 1.31 -6.12 2.53
CA TYR C 52 0.23 -5.20 2.22
C TYR C 52 -0.95 -5.52 3.14
N SER C 53 -1.69 -4.46 3.49
CA SER C 53 -2.90 -4.55 4.30
C SER C 53 -4.07 -4.21 3.40
N ILE C 54 -4.83 -5.24 2.99
CA ILE C 54 -5.87 -5.12 1.96
C ILE C 54 -7.28 -5.26 2.58
N TYR C 62 -9.43 -6.28 7.14
CA TYR C 62 -8.07 -6.16 6.57
C TYR C 62 -7.32 -7.49 6.66
N ASP C 63 -6.88 -8.02 5.51
CA ASP C 63 -5.98 -9.17 5.47
C ASP C 63 -4.56 -8.69 5.16
N ASN C 64 -3.59 -9.24 5.87
CA ASN C 64 -2.19 -8.99 5.59
C ASN C 64 -1.76 -9.94 4.49
N VAL C 65 -1.29 -9.38 3.37
CA VAL C 65 -0.81 -10.17 2.25
C VAL C 65 0.71 -10.00 2.18
N ARG C 66 1.45 -11.09 2.33
CA ARG C 66 2.88 -11.08 2.11
C ARG C 66 3.18 -11.41 0.64
N VAL C 67 3.78 -10.41 -0.03
CA VAL C 67 4.22 -10.54 -1.41
C VAL C 67 5.72 -10.79 -1.40
N GLU C 68 6.11 -11.98 -1.87
CA GLU C 68 7.51 -12.38 -1.94
C GLU C 68 8.04 -12.21 -3.35
N PHE C 69 9.21 -11.54 -3.47
CA PHE C 69 9.94 -11.40 -4.71
C PHE C 69 11.19 -12.28 -4.70
N LYS C 70 11.79 -12.45 -5.88
CA LYS C 70 12.98 -13.28 -5.98
C LYS C 70 14.18 -12.66 -5.27
N ASN C 71 14.23 -11.34 -5.15
CA ASN C 71 15.39 -10.70 -4.54
C ASN C 71 15.08 -9.35 -3.92
N LYS C 72 16.09 -8.79 -3.25
CA LYS C 72 15.97 -7.48 -2.62
C LYS C 72 15.69 -6.33 -3.58
N ASP C 73 16.30 -6.38 -4.77
CA ASP C 73 16.14 -5.32 -5.75
C ASP C 73 14.67 -5.06 -6.08
N LEU C 74 13.90 -6.14 -6.27
CA LEU C 74 12.48 -6.01 -6.55
C LEU C 74 11.71 -5.46 -5.37
N ALA C 75 11.99 -5.96 -4.15
CA ALA C 75 11.35 -5.43 -2.96
C ALA C 75 11.69 -3.95 -2.77
N ASP C 76 12.96 -3.61 -3.01
CA ASP C 76 13.40 -2.24 -2.82
C ASP C 76 12.67 -1.32 -3.81
N LYS C 77 12.49 -1.81 -5.03
CA LYS C 77 11.86 -1.02 -6.08
C LYS C 77 10.43 -0.61 -5.71
N TYR C 78 9.66 -1.55 -5.13
CA TYR C 78 8.25 -1.31 -4.89
C TYR C 78 7.88 -0.86 -3.48
N LYS C 79 8.83 -0.95 -2.54
CA LYS C 79 8.56 -0.60 -1.15
C LYS C 79 7.99 0.82 -1.10
N ASP C 80 6.86 1.01 -0.43
CA ASP C 80 6.28 2.35 -0.32
C ASP C 80 6.02 3.05 -1.66
N LYS C 81 5.84 2.29 -2.74
CA LYS C 81 5.33 2.81 -4.00
C LYS C 81 3.86 2.40 -4.07
N TYR C 82 3.00 3.27 -4.61
CA TYR C 82 1.61 2.94 -4.84
C TYR C 82 1.45 2.00 -6.04
N VAL C 83 0.91 0.81 -5.77
CA VAL C 83 0.89 -0.25 -6.77
C VAL C 83 -0.48 -0.88 -6.93
N ASP C 84 -0.60 -1.72 -7.96
CA ASP C 84 -1.67 -2.70 -8.04
C ASP C 84 -1.06 -4.07 -7.80
N VAL C 85 -1.80 -4.90 -7.06
CA VAL C 85 -1.38 -6.24 -6.70
C VAL C 85 -2.41 -7.21 -7.26
N PHE C 86 -1.93 -8.24 -7.97
CA PHE C 86 -2.80 -9.25 -8.53
C PHE C 86 -2.08 -10.59 -8.52
N GLY C 87 -2.66 -11.60 -7.89
CA GLY C 87 -2.06 -12.92 -8.00
C GLY C 87 -2.76 -14.05 -7.27
N ALA C 88 -2.18 -15.24 -7.43
CA ALA C 88 -2.67 -16.45 -6.82
C ALA C 88 -2.00 -16.70 -5.48
N ASN C 89 -2.81 -16.62 -4.41
CA ASN C 89 -2.30 -16.67 -3.06
C ASN C 89 -2.49 -18.04 -2.46
N TYR C 90 -1.72 -18.34 -1.42
CA TYR C 90 -1.79 -19.61 -0.73
C TYR C 90 -1.73 -19.36 0.77
N TYR C 91 -2.17 -20.37 1.53
CA TYR C 91 -2.24 -20.30 2.98
C TYR C 91 -1.37 -21.36 3.65
N TYR C 92 -1.42 -22.60 3.13
CA TYR C 92 -0.70 -23.71 3.72
C TYR C 92 0.80 -23.45 3.72
N GLN C 93 1.38 -23.45 4.93
CA GLN C 93 2.78 -23.12 5.18
C GLN C 93 3.20 -21.74 4.69
N CYS C 94 2.24 -20.82 4.66
CA CYS C 94 2.52 -19.40 4.46
C CYS C 94 3.38 -18.91 5.64
N TYR C 95 4.66 -18.61 5.36
CA TYR C 95 5.65 -18.23 6.36
C TYR C 95 5.61 -16.73 6.63
N PHE C 96 5.33 -16.33 7.88
CA PHE C 96 4.94 -14.95 8.12
C PHE C 96 4.95 -14.49 9.58
N SER C 97 6.10 -13.91 10.01
CA SER C 97 6.40 -13.44 11.35
C SER C 97 7.57 -14.23 12.00
N LYS C 112 -3.83 -14.03 7.48
CA LYS C 112 -2.56 -13.89 6.75
C LYS C 112 -2.51 -14.81 5.53
N THR C 113 -2.00 -14.28 4.41
CA THR C 113 -1.85 -15.07 3.20
C THR C 113 -0.57 -14.66 2.47
N CYS C 114 -0.07 -15.57 1.64
CA CYS C 114 1.19 -15.39 0.91
C CYS C 114 0.97 -15.43 -0.59
N MET C 115 1.82 -14.72 -1.35
CA MET C 115 1.86 -14.83 -2.80
C MET C 115 3.24 -14.42 -3.28
N TYR C 116 3.46 -14.48 -4.59
CA TYR C 116 4.73 -14.05 -5.18
C TYR C 116 4.46 -13.02 -6.27
N GLY C 117 5.29 -11.97 -6.35
CA GLY C 117 5.19 -10.95 -7.39
C GLY C 117 3.80 -10.33 -7.54
N GLY C 118 3.35 -10.16 -8.79
CA GLY C 118 2.01 -9.66 -9.08
C GLY C 118 1.85 -8.14 -8.90
N VAL C 119 2.99 -7.42 -8.88
CA VAL C 119 2.98 -6.03 -8.50
C VAL C 119 3.31 -5.14 -9.69
N THR C 120 2.47 -4.13 -9.93
CA THR C 120 2.68 -3.16 -11.00
C THR C 120 2.44 -1.76 -10.42
N GLU C 121 3.30 -0.80 -10.78
CA GLU C 121 3.08 0.58 -10.39
C GLU C 121 1.67 1.00 -10.83
N HIS C 122 0.96 1.73 -9.94
CA HIS C 122 -0.39 2.17 -10.27
C HIS C 122 -0.34 3.33 -11.26
N ASN C 123 0.38 4.39 -10.89
CA ASN C 123 0.30 5.64 -11.65
C ASN C 123 0.97 5.51 -13.01
N GLY C 124 0.23 5.93 -14.05
CA GLY C 124 0.73 5.90 -15.42
C GLY C 124 0.48 4.57 -16.13
N ASN C 125 -0.09 3.60 -15.41
CA ASN C 125 -0.28 2.26 -15.97
C ASN C 125 -1.74 1.89 -16.24
N GLN C 126 -2.66 2.84 -15.98
CA GLN C 126 -4.08 2.59 -16.12
C GLN C 126 -4.58 2.93 -17.52
N LEU C 127 -5.42 2.05 -18.07
CA LEU C 127 -6.03 2.25 -19.38
C LEU C 127 -7.44 2.83 -19.24
N ASP C 128 -7.82 3.69 -20.18
CA ASP C 128 -9.16 4.28 -20.21
C ASP C 128 -10.20 3.18 -20.40
N LYS C 129 -9.95 2.29 -21.37
CA LYS C 129 -10.81 1.16 -21.65
C LYS C 129 -10.01 -0.13 -21.49
N TYR C 130 -10.68 -1.22 -21.11
CA TYR C 130 -9.99 -2.47 -20.91
C TYR C 130 -9.40 -2.95 -22.23
N ARG C 131 -8.27 -3.64 -22.09
CA ARG C 131 -7.65 -4.29 -23.25
C ARG C 131 -8.03 -5.78 -23.19
N SER C 132 -8.34 -6.37 -24.34
CA SER C 132 -8.64 -7.79 -24.43
C SER C 132 -7.46 -8.50 -25.08
N ILE C 133 -7.15 -9.71 -24.60
CA ILE C 133 -6.10 -10.55 -25.15
C ILE C 133 -6.76 -11.89 -25.46
N THR C 134 -6.64 -12.35 -26.70
CA THR C 134 -7.34 -13.56 -27.12
C THR C 134 -6.43 -14.77 -26.97
N VAL C 135 -6.70 -15.57 -25.94
CA VAL C 135 -6.02 -16.82 -25.73
C VAL C 135 -6.38 -17.83 -26.82
N ARG C 136 -5.34 -18.43 -27.42
CA ARG C 136 -5.53 -19.52 -28.41
C ARG C 136 -5.23 -20.86 -27.71
N VAL C 137 -6.19 -21.78 -27.68
CA VAL C 137 -6.03 -23.07 -27.01
C VAL C 137 -5.82 -24.18 -28.03
N PHE C 138 -4.80 -24.99 -27.81
CA PHE C 138 -4.53 -26.15 -28.65
C PHE C 138 -4.65 -27.43 -27.84
N GLU C 139 -5.32 -28.44 -28.42
CA GLU C 139 -5.36 -29.76 -27.85
C GLU C 139 -4.74 -30.72 -28.86
N ASP C 140 -3.65 -31.37 -28.44
CA ASP C 140 -2.87 -32.26 -29.29
C ASP C 140 -2.52 -31.58 -30.61
N GLY C 141 -2.15 -30.30 -30.54
CA GLY C 141 -1.73 -29.53 -31.70
C GLY C 141 -2.84 -28.82 -32.48
N LYS C 142 -4.10 -29.10 -32.14
CA LYS C 142 -5.24 -28.55 -32.85
C LYS C 142 -5.96 -27.45 -32.07
N ASN C 143 -6.20 -26.32 -32.75
CA ASN C 143 -6.96 -25.21 -32.20
C ASN C 143 -8.46 -25.49 -32.26
N LEU C 144 -9.06 -25.72 -31.10
CA LEU C 144 -10.48 -25.95 -30.96
C LEU C 144 -11.17 -24.76 -30.30
N LEU C 145 -10.41 -23.93 -29.56
CA LEU C 145 -11.01 -22.93 -28.71
C LEU C 145 -10.15 -21.66 -28.61
N SER C 146 -10.81 -20.51 -28.67
CA SER C 146 -10.22 -19.23 -28.30
C SER C 146 -11.18 -18.45 -27.41
N PHE C 147 -10.60 -17.64 -26.52
CA PHE C 147 -11.40 -16.83 -25.61
C PHE C 147 -10.56 -15.64 -25.16
N ASP C 148 -11.26 -14.59 -24.74
CA ASP C 148 -10.60 -13.38 -24.29
C ASP C 148 -10.42 -13.32 -22.77
N VAL C 149 -9.26 -12.80 -22.35
CA VAL C 149 -9.07 -12.28 -21.01
C VAL C 149 -8.90 -10.78 -21.11
N GLN C 150 -9.15 -10.07 -20.00
CA GLN C 150 -9.19 -8.62 -20.02
C GLN C 150 -8.36 -8.02 -18.89
N THR C 151 -7.69 -6.89 -19.15
CA THR C 151 -6.98 -6.16 -18.10
C THR C 151 -7.06 -4.67 -18.36
N ASN C 152 -6.91 -3.88 -17.29
CA ASN C 152 -6.91 -2.43 -17.38
C ASN C 152 -5.49 -1.85 -17.36
N LYS C 153 -4.49 -2.73 -17.43
CA LYS C 153 -3.11 -2.38 -17.17
C LYS C 153 -2.33 -2.37 -18.48
N LYS C 154 -1.56 -1.30 -18.69
CA LYS C 154 -0.69 -1.17 -19.85
C LYS C 154 0.40 -2.23 -19.78
N LYS C 155 1.06 -2.30 -18.62
CA LYS C 155 2.03 -3.33 -18.32
C LYS C 155 1.39 -4.26 -17.28
N VAL C 156 1.36 -5.55 -17.57
CA VAL C 156 0.61 -6.49 -16.74
C VAL C 156 1.52 -7.68 -16.46
N THR C 157 1.39 -8.26 -15.26
CA THR C 157 2.19 -9.42 -14.93
C THR C 157 1.71 -10.61 -15.74
N ALA C 158 2.67 -11.43 -16.15
CA ALA C 158 2.32 -12.71 -16.73
C ALA C 158 1.45 -13.51 -15.75
N GLN C 159 1.74 -13.40 -14.45
CA GLN C 159 0.93 -14.06 -13.42
C GLN C 159 -0.56 -13.74 -13.56
N GLU C 160 -0.90 -12.46 -13.67
CA GLU C 160 -2.29 -12.06 -13.80
C GLU C 160 -2.95 -12.69 -15.02
N LEU C 161 -2.24 -12.66 -16.16
CA LEU C 161 -2.77 -13.23 -17.39
C LEU C 161 -2.88 -14.74 -17.30
N ASP C 162 -1.88 -15.38 -16.68
CA ASP C 162 -1.93 -16.81 -16.46
C ASP C 162 -3.14 -17.21 -15.61
N TYR C 163 -3.33 -16.51 -14.48
CA TYR C 163 -4.47 -16.78 -13.62
C TYR C 163 -5.79 -16.65 -14.39
N LEU C 164 -5.96 -15.56 -15.13
CA LEU C 164 -7.21 -15.36 -15.88
C LEU C 164 -7.45 -16.45 -16.93
N THR C 165 -6.38 -16.90 -17.60
CA THR C 165 -6.47 -17.94 -18.59
C THR C 165 -6.85 -19.29 -17.98
N ARG C 166 -6.18 -19.65 -16.87
CA ARG C 166 -6.45 -20.91 -16.24
C ARG C 166 -7.82 -20.90 -15.57
N HIS C 167 -8.24 -19.73 -15.08
CA HIS C 167 -9.52 -19.63 -14.41
C HIS C 167 -10.60 -20.05 -15.40
N TYR C 168 -10.51 -19.52 -16.63
CA TYR C 168 -11.46 -19.86 -17.66
C TYR C 168 -11.39 -21.35 -17.98
N LEU C 169 -10.18 -21.88 -18.13
CA LEU C 169 -10.02 -23.28 -18.52
C LEU C 169 -10.45 -24.27 -17.44
N VAL C 170 -10.32 -23.88 -16.16
CA VAL C 170 -10.82 -24.71 -15.08
C VAL C 170 -12.35 -24.79 -15.13
N LYS C 171 -12.98 -23.63 -15.27
CA LYS C 171 -14.44 -23.56 -15.34
C LYS C 171 -15.02 -24.30 -16.53
N ASN C 172 -14.39 -24.12 -17.71
CA ASN C 172 -15.01 -24.50 -18.97
C ASN C 172 -14.46 -25.78 -19.61
N LYS C 173 -13.22 -26.13 -19.29
CA LYS C 173 -12.57 -27.29 -19.87
C LYS C 173 -12.08 -28.30 -18.82
N LYS C 174 -12.47 -28.09 -17.56
CA LYS C 174 -12.06 -28.94 -16.46
C LYS C 174 -10.55 -29.16 -16.43
N LEU C 175 -9.79 -28.09 -16.68
CA LEU C 175 -8.33 -28.18 -16.73
C LEU C 175 -7.76 -28.91 -15.51
N TYR C 176 -8.25 -28.54 -14.34
CA TYR C 176 -7.92 -29.24 -13.10
C TYR C 176 -9.23 -29.71 -12.46
N GLU C 177 -9.24 -30.98 -12.02
CA GLU C 177 -10.35 -31.50 -11.25
C GLU C 177 -9.88 -31.90 -9.86
N PHE C 178 -10.82 -32.38 -9.02
CA PHE C 178 -10.48 -32.74 -7.67
C PHE C 178 -9.35 -33.76 -7.63
N ASN C 179 -9.47 -34.81 -8.45
CA ASN C 179 -8.47 -35.90 -8.37
C ASN C 179 -7.32 -35.73 -9.35
N ASN C 180 -7.63 -35.51 -10.63
CA ASN C 180 -6.54 -35.29 -11.61
C ASN C 180 -6.97 -34.31 -12.71
N SER C 181 -6.31 -34.36 -13.87
CA SER C 181 -6.78 -33.62 -15.06
C SER C 181 -7.12 -34.51 -16.26
N PRO C 182 -8.09 -34.12 -17.12
CA PRO C 182 -8.30 -34.78 -18.41
C PRO C 182 -7.09 -34.62 -19.35
N TYR C 183 -6.18 -33.68 -19.02
CA TYR C 183 -4.99 -33.45 -19.82
C TYR C 183 -3.73 -34.05 -19.20
N GLU C 184 -2.87 -34.60 -20.05
CA GLU C 184 -1.60 -35.18 -19.63
C GLU C 184 -0.54 -34.09 -19.43
N THR C 185 -0.38 -33.22 -20.44
CA THR C 185 0.52 -32.09 -20.30
C THR C 185 -0.19 -30.77 -20.64
N GLY C 186 0.40 -29.68 -20.16
CA GLY C 186 -0.04 -28.37 -20.56
C GLY C 186 1.06 -27.35 -20.33
N TYR C 187 1.22 -26.43 -21.28
CA TYR C 187 2.00 -25.24 -21.03
C TYR C 187 1.32 -24.01 -21.61
N ILE C 188 1.57 -22.88 -20.95
CA ILE C 188 1.06 -21.59 -21.37
C ILE C 188 2.25 -20.78 -21.86
N LYS C 189 2.11 -20.23 -23.06
CA LYS C 189 3.17 -19.53 -23.75
C LYS C 189 2.76 -18.08 -23.98
N PHE C 190 3.63 -17.16 -23.59
CA PHE C 190 3.44 -15.74 -23.79
C PHE C 190 4.41 -15.29 -24.88
N ILE C 191 3.90 -14.55 -25.86
CA ILE C 191 4.69 -14.10 -27.00
C ILE C 191 4.59 -12.57 -27.12
N GLU C 192 5.75 -11.92 -27.13
CA GLU C 192 5.79 -10.44 -27.25
C GLU C 192 6.72 -10.14 -28.43
N ASN C 193 6.14 -9.94 -29.61
CA ASN C 193 6.97 -9.74 -30.83
C ASN C 193 7.86 -10.97 -30.98
N GLU C 194 9.15 -10.73 -31.15
CA GLU C 194 10.13 -11.83 -31.30
C GLU C 194 10.20 -12.73 -30.05
N ASN C 195 10.14 -12.17 -28.84
CA ASN C 195 10.42 -12.98 -27.63
C ASN C 195 9.24 -13.73 -27.02
N SER C 196 9.52 -14.93 -26.51
CA SER C 196 8.50 -15.73 -25.84
C SER C 196 9.05 -16.45 -24.63
N PHE C 197 8.13 -16.95 -23.80
CA PHE C 197 8.47 -17.72 -22.61
C PHE C 197 7.22 -18.48 -22.21
N TRP C 198 7.39 -19.52 -21.38
CA TRP C 198 6.29 -20.41 -21.07
C TRP C 198 6.40 -20.99 -19.66
N TYR C 199 5.24 -21.37 -19.13
CA TYR C 199 5.12 -22.02 -17.83
C TYR C 199 4.46 -23.39 -17.97
N ASP C 200 4.98 -24.36 -17.22
CA ASP C 200 4.39 -25.68 -17.16
C ASP C 200 3.17 -25.59 -16.24
N MET C 201 2.02 -26.09 -16.72
CA MET C 201 0.75 -25.91 -16.04
C MET C 201 0.43 -27.10 -15.12
N MET C 202 1.28 -28.14 -15.16
CA MET C 202 0.99 -29.39 -14.46
C MET C 202 1.92 -29.56 -13.26
N PRO C 203 1.47 -30.28 -12.21
CA PRO C 203 2.31 -30.52 -11.05
C PRO C 203 3.47 -31.48 -11.32
N ALA C 204 4.54 -31.27 -10.56
CA ALA C 204 5.65 -32.20 -10.50
C ALA C 204 5.15 -33.58 -10.08
N PRO C 205 5.85 -34.67 -10.47
CA PRO C 205 5.43 -36.03 -10.15
C PRO C 205 5.54 -36.34 -8.66
N GLY C 206 4.83 -37.39 -8.24
CA GLY C 206 4.81 -37.81 -6.85
C GLY C 206 3.43 -37.60 -6.25
N ASP C 207 3.33 -37.78 -4.93
CA ASP C 207 2.03 -37.81 -4.27
C ASP C 207 1.71 -36.52 -3.52
N LYS C 208 2.65 -35.55 -3.55
CA LYS C 208 2.43 -34.29 -2.86
C LYS C 208 2.51 -33.14 -3.85
N PHE C 209 1.65 -32.13 -3.65
CA PHE C 209 1.74 -30.88 -4.39
C PHE C 209 1.98 -29.78 -3.37
N ASP C 210 3.11 -29.07 -3.53
CA ASP C 210 3.46 -27.97 -2.66
C ASP C 210 3.13 -26.66 -3.40
N GLN C 211 2.08 -25.98 -2.93
CA GLN C 211 1.62 -24.73 -3.52
C GLN C 211 2.68 -23.63 -3.49
N SER C 212 3.40 -23.50 -2.37
CA SER C 212 4.40 -22.46 -2.26
C SER C 212 5.52 -22.65 -3.27
N LYS C 213 5.92 -23.91 -3.52
CA LYS C 213 6.97 -24.18 -4.47
C LYS C 213 6.53 -23.91 -5.92
N TYR C 214 5.28 -24.26 -6.22
CA TYR C 214 4.77 -24.11 -7.57
C TYR C 214 4.67 -22.63 -7.92
N LEU C 215 4.06 -21.86 -7.01
CA LEU C 215 3.79 -20.45 -7.24
C LEU C 215 5.05 -19.58 -7.26
N MET C 216 6.14 -20.07 -6.68
CA MET C 216 7.39 -19.30 -6.68
C MET C 216 7.83 -18.92 -8.09
N MET C 217 7.35 -19.61 -9.12
CA MET C 217 7.67 -19.24 -10.50
C MET C 217 7.29 -17.79 -10.81
N TYR C 218 6.32 -17.26 -10.06
CA TYR C 218 5.87 -15.89 -10.26
C TYR C 218 6.71 -14.82 -9.53
N ASN C 219 7.72 -15.24 -8.76
CA ASN C 219 8.46 -14.30 -7.93
C ASN C 219 9.38 -13.35 -8.71
N ASP C 220 9.49 -13.53 -10.02
CA ASP C 220 10.32 -12.67 -10.86
C ASP C 220 9.58 -11.39 -11.26
N ASN C 221 8.27 -11.33 -10.93
CA ASN C 221 7.42 -10.20 -11.25
C ASN C 221 7.43 -9.91 -12.76
N LYS C 222 7.50 -10.98 -13.55
CA LYS C 222 7.59 -10.83 -15.00
C LYS C 222 6.39 -10.07 -15.53
N MET C 223 6.68 -9.04 -16.34
CA MET C 223 5.65 -8.19 -16.90
C MET C 223 5.68 -8.27 -18.42
N VAL C 224 4.50 -8.07 -19.03
CA VAL C 224 4.36 -8.00 -20.47
C VAL C 224 3.53 -6.76 -20.83
N ASP C 225 3.63 -6.33 -22.09
CA ASP C 225 2.77 -5.28 -22.62
C ASP C 225 1.43 -5.87 -23.04
N SER C 226 0.33 -5.33 -22.50
CA SER C 226 -0.99 -5.90 -22.74
C SER C 226 -1.51 -5.73 -24.16
N LYS C 227 -0.92 -4.77 -24.90
CA LYS C 227 -1.28 -4.54 -26.30
C LYS C 227 -0.55 -5.50 -27.22
N ASP C 228 0.72 -5.81 -26.91
CA ASP C 228 1.50 -6.63 -27.81
C ASP C 228 1.44 -8.13 -27.51
N VAL C 229 1.14 -8.50 -26.26
CA VAL C 229 1.33 -9.90 -25.88
C VAL C 229 0.28 -10.77 -26.56
N LYS C 230 0.72 -11.96 -26.97
CA LYS C 230 -0.17 -13.04 -27.34
C LYS C 230 -0.03 -14.22 -26.38
N ILE C 231 -1.13 -14.96 -26.19
CA ILE C 231 -1.16 -16.10 -25.29
C ILE C 231 -1.59 -17.34 -26.07
N GLU C 232 -0.78 -18.38 -25.96
CA GLU C 232 -1.10 -19.68 -26.56
C GLU C 232 -0.99 -20.72 -25.46
N VAL C 233 -1.98 -21.62 -25.38
CA VAL C 233 -1.99 -22.71 -24.42
C VAL C 233 -1.97 -24.02 -25.20
N TYR C 234 -1.02 -24.91 -24.86
CA TYR C 234 -0.86 -26.17 -25.54
C TYR C 234 -1.09 -27.30 -24.54
N LEU C 235 -2.14 -28.09 -24.78
CA LEU C 235 -2.56 -29.19 -23.93
C LEU C 235 -2.43 -30.48 -24.73
N THR C 236 -2.09 -31.57 -24.04
CA THR C 236 -2.19 -32.90 -24.63
C THR C 236 -3.17 -33.75 -23.82
N THR C 237 -3.89 -34.62 -24.53
CA THR C 237 -4.86 -35.50 -23.88
C THR C 237 -4.16 -36.80 -23.52
N LYS C 238 -4.82 -37.60 -22.70
CA LYS C 238 -4.29 -38.87 -22.25
C LYS C 238 -4.61 -39.95 -23.27
N GLN D 1 -15.73 -12.17 13.76
CA GLN D 1 -15.25 -13.42 14.34
C GLN D 1 -16.03 -14.61 13.75
N VAL D 2 -15.33 -15.74 13.60
CA VAL D 2 -15.90 -16.93 12.98
C VAL D 2 -17.09 -17.41 13.81
N GLN D 3 -18.22 -17.65 13.13
CA GLN D 3 -19.37 -18.35 13.72
C GLN D 3 -19.97 -19.37 12.75
N LEU D 4 -20.44 -20.48 13.31
CA LEU D 4 -21.23 -21.47 12.61
C LEU D 4 -22.47 -21.71 13.48
N VAL D 5 -23.67 -21.50 12.90
CA VAL D 5 -24.93 -21.72 13.61
C VAL D 5 -25.80 -22.71 12.86
N GLU D 6 -25.95 -23.92 13.43
CA GLU D 6 -26.82 -24.94 12.85
C GLU D 6 -28.29 -24.67 13.16
N SER D 7 -29.17 -24.94 12.18
CA SER D 7 -30.60 -24.88 12.37
C SER D 7 -31.31 -26.06 11.68
N GLY D 8 -32.62 -26.17 11.90
CA GLY D 8 -33.41 -27.26 11.32
C GLY D 8 -33.40 -28.49 12.23
N GLY D 9 -33.08 -29.64 11.65
CA GLY D 9 -33.10 -30.91 12.35
C GLY D 9 -34.51 -31.20 12.88
N GLY D 10 -34.58 -31.96 13.98
CA GLY D 10 -35.84 -32.19 14.65
C GLY D 10 -36.13 -33.67 14.93
N LEU D 11 -37.43 -33.97 15.04
CA LEU D 11 -37.95 -35.26 15.46
C LEU D 11 -38.75 -35.87 14.31
N VAL D 12 -38.55 -37.16 14.05
CA VAL D 12 -39.24 -37.85 12.97
C VAL D 12 -39.33 -39.34 13.31
N GLN D 13 -40.29 -40.04 12.70
CA GLN D 13 -40.37 -41.49 12.83
C GLN D 13 -39.32 -42.17 11.96
N PRO D 14 -38.88 -43.41 12.31
CA PRO D 14 -37.99 -44.19 11.44
C PRO D 14 -38.51 -44.21 10.01
N GLY D 15 -37.58 -44.08 9.06
CA GLY D 15 -37.92 -44.01 7.64
C GLY D 15 -38.14 -42.60 7.11
N GLY D 16 -38.27 -41.63 8.03
CA GLY D 16 -38.56 -40.26 7.65
C GLY D 16 -37.33 -39.47 7.20
N SER D 17 -37.54 -38.17 6.94
CA SER D 17 -36.50 -37.28 6.45
C SER D 17 -36.48 -35.98 7.27
N LEU D 18 -35.26 -35.41 7.40
CA LEU D 18 -35.05 -34.11 8.00
C LEU D 18 -34.01 -33.35 7.20
N ARG D 19 -33.87 -32.06 7.52
CA ARG D 19 -32.85 -31.24 6.84
C ARG D 19 -32.14 -30.35 7.87
N LEU D 20 -30.83 -30.21 7.70
CA LEU D 20 -30.02 -29.34 8.53
C LEU D 20 -29.44 -28.23 7.67
N SER D 21 -29.28 -27.07 8.30
CA SER D 21 -28.73 -25.88 7.66
C SER D 21 -27.69 -25.31 8.61
N CYS D 22 -26.61 -24.76 8.05
CA CYS D 22 -25.63 -24.06 8.85
C CYS D 22 -25.25 -22.73 8.20
N ALA D 23 -25.52 -21.63 8.91
CA ALA D 23 -25.17 -20.30 8.44
C ALA D 23 -23.77 -19.95 8.94
N ALA D 24 -22.86 -19.64 7.99
CA ALA D 24 -21.49 -19.26 8.32
C ALA D 24 -21.32 -17.76 8.24
N SER D 25 -20.57 -17.20 9.18
CA SER D 25 -20.22 -15.78 9.17
C SER D 25 -18.81 -15.59 9.70
N GLY D 26 -18.19 -14.46 9.32
CA GLY D 26 -16.86 -14.12 9.78
C GLY D 26 -15.71 -14.79 9.03
N PHE D 27 -16.04 -15.46 7.92
CA PHE D 27 -15.04 -16.00 7.01
C PHE D 27 -15.69 -16.32 5.68
N ALA D 28 -14.87 -16.54 4.64
CA ALA D 28 -15.35 -16.91 3.33
C ALA D 28 -15.47 -18.43 3.27
N LEU D 29 -16.72 -18.93 3.19
CA LEU D 29 -16.94 -20.36 3.11
C LEU D 29 -16.15 -20.98 1.96
N SER D 30 -16.11 -20.27 0.82
CA SER D 30 -15.47 -20.75 -0.39
C SER D 30 -13.99 -21.14 -0.27
N LEU D 31 -13.29 -20.70 0.79
CA LEU D 31 -11.91 -21.10 1.01
C LEU D 31 -11.76 -22.47 1.67
N TYR D 32 -12.88 -23.06 2.12
CA TYR D 32 -12.80 -24.17 3.06
C TYR D 32 -13.64 -25.39 2.66
N VAL D 33 -13.01 -26.56 2.75
CA VAL D 33 -13.72 -27.81 2.92
C VAL D 33 -14.58 -27.69 4.17
N MET D 34 -15.81 -28.20 4.08
CA MET D 34 -16.76 -28.16 5.19
C MET D 34 -17.30 -29.57 5.42
N SER D 35 -17.62 -29.87 6.69
CA SER D 35 -18.04 -31.20 7.08
C SER D 35 -19.24 -31.16 8.04
N TRP D 36 -19.97 -32.27 8.10
CA TRP D 36 -20.87 -32.55 9.20
C TRP D 36 -20.29 -33.68 10.05
N VAL D 37 -20.35 -33.51 11.36
CA VAL D 37 -19.98 -34.56 12.31
C VAL D 37 -21.13 -34.68 13.29
N ARG D 38 -21.28 -35.85 13.91
CA ARG D 38 -22.34 -36.01 14.89
C ARG D 38 -21.82 -36.66 16.17
N GLN D 39 -22.57 -36.47 17.26
CA GLN D 39 -22.27 -37.12 18.53
C GLN D 39 -23.55 -37.71 19.07
N ALA D 40 -23.65 -39.04 18.98
CA ALA D 40 -24.77 -39.82 19.49
C ALA D 40 -24.56 -40.05 20.99
N PRO D 41 -25.64 -40.29 21.77
CA PRO D 41 -25.52 -40.45 23.22
C PRO D 41 -24.52 -41.54 23.59
N GLY D 42 -23.61 -41.22 24.51
CA GLY D 42 -22.60 -42.17 24.97
C GLY D 42 -21.63 -42.65 23.90
N GLU D 43 -21.35 -41.78 22.91
CA GLU D 43 -20.43 -42.08 21.82
C GLU D 43 -19.44 -40.93 21.66
N GLY D 44 -18.32 -41.22 21.00
CA GLY D 44 -17.41 -40.17 20.53
C GLY D 44 -17.91 -39.56 19.23
N ARG D 45 -17.36 -38.38 18.90
CA ARG D 45 -17.59 -37.73 17.62
C ARG D 45 -17.45 -38.70 16.46
N GLU D 46 -18.38 -38.60 15.50
CA GLU D 46 -18.37 -39.44 14.30
C GLU D 46 -18.46 -38.51 13.10
N TRP D 47 -17.48 -38.63 12.20
CA TRP D 47 -17.55 -37.98 10.90
C TRP D 47 -18.69 -38.54 10.05
N VAL D 48 -19.49 -37.62 9.48
CA VAL D 48 -20.65 -37.98 8.68
C VAL D 48 -20.41 -37.71 7.21
N SER D 49 -19.99 -36.47 6.88
CA SER D 49 -19.83 -36.09 5.49
C SER D 49 -18.94 -34.88 5.30
N SER D 50 -18.30 -34.79 4.12
CA SER D 50 -17.53 -33.61 3.75
C SER D 50 -17.80 -33.17 2.32
N ILE D 51 -17.61 -31.88 2.04
CA ILE D 51 -17.74 -31.35 0.70
C ILE D 51 -16.59 -30.36 0.46
N ASN D 52 -15.99 -30.44 -0.73
CA ASN D 52 -14.92 -29.53 -1.10
C ASN D 52 -15.45 -28.13 -1.38
N SER D 53 -14.53 -27.15 -1.50
CA SER D 53 -14.91 -25.75 -1.60
C SER D 53 -15.80 -25.48 -2.80
N GLY D 54 -15.45 -26.10 -3.94
CA GLY D 54 -16.19 -25.93 -5.18
C GLY D 54 -17.62 -26.46 -5.11
N GLY D 55 -17.78 -27.63 -4.50
CA GLY D 55 -19.06 -28.32 -4.40
C GLY D 55 -19.13 -29.58 -5.26
N SER D 56 -18.06 -29.82 -6.02
CA SER D 56 -18.04 -30.93 -6.97
C SER D 56 -17.84 -32.29 -6.33
N THR D 57 -17.23 -32.33 -5.14
CA THR D 57 -16.77 -33.57 -4.54
C THR D 57 -17.33 -33.71 -3.13
N THR D 58 -18.03 -34.83 -2.89
CA THR D 58 -18.60 -35.13 -1.59
C THR D 58 -18.10 -36.49 -1.14
N ALA D 59 -18.00 -36.67 0.19
CA ALA D 59 -17.73 -37.96 0.79
C ALA D 59 -18.66 -38.22 1.98
N TYR D 60 -18.95 -39.51 2.23
CA TYR D 60 -19.88 -39.92 3.28
C TYR D 60 -19.32 -41.09 4.07
N ALA D 61 -19.63 -41.14 5.38
CA ALA D 61 -19.45 -42.35 6.17
C ALA D 61 -20.29 -43.49 5.60
N ASP D 62 -19.76 -44.71 5.69
CA ASP D 62 -20.47 -45.91 5.25
C ASP D 62 -21.88 -45.99 5.82
N SER D 63 -22.00 -45.69 7.12
CA SER D 63 -23.27 -45.77 7.83
C SER D 63 -24.39 -44.89 7.27
N VAL D 64 -24.03 -43.81 6.56
CA VAL D 64 -25.04 -42.90 6.01
C VAL D 64 -25.05 -42.82 4.48
N LYS D 65 -24.10 -43.49 3.82
CA LYS D 65 -23.97 -43.38 2.38
C LYS D 65 -25.23 -43.88 1.70
N GLY D 66 -25.73 -43.10 0.73
CA GLY D 66 -26.97 -43.42 0.05
C GLY D 66 -28.21 -42.77 0.66
N ARG D 67 -28.11 -42.37 1.93
CA ARG D 67 -29.24 -41.83 2.68
C ARG D 67 -29.14 -40.32 2.90
N PHE D 68 -27.91 -39.82 3.06
CA PHE D 68 -27.69 -38.41 3.35
C PHE D 68 -27.03 -37.72 2.14
N THR D 69 -27.30 -36.42 1.99
CA THR D 69 -26.72 -35.61 0.94
C THR D 69 -26.24 -34.27 1.51
N ILE D 70 -24.95 -33.99 1.31
CA ILE D 70 -24.34 -32.73 1.72
C ILE D 70 -24.35 -31.79 0.53
N SER D 71 -24.57 -30.49 0.76
CA SER D 71 -24.50 -29.48 -0.28
C SER D 71 -24.08 -28.16 0.34
N ARG D 72 -23.70 -27.20 -0.50
CA ARG D 72 -23.26 -25.91 -0.01
C ARG D 72 -23.69 -24.79 -0.95
N ASP D 73 -23.74 -23.57 -0.42
CA ASP D 73 -24.01 -22.38 -1.21
C ASP D 73 -23.06 -21.31 -0.68
N ASN D 74 -21.90 -21.19 -1.35
CA ASN D 74 -20.86 -20.28 -0.95
C ASN D 74 -21.31 -18.80 -0.95
N ALA D 75 -22.15 -18.45 -1.93
CA ALA D 75 -22.65 -17.09 -2.05
C ALA D 75 -23.52 -16.72 -0.84
N LYS D 76 -24.31 -17.69 -0.35
CA LYS D 76 -25.12 -17.50 0.84
C LYS D 76 -24.39 -17.94 2.11
N ASN D 77 -23.16 -18.44 1.96
CA ASN D 77 -22.34 -18.84 3.08
C ASN D 77 -23.04 -19.88 3.96
N THR D 78 -23.67 -20.86 3.30
CA THR D 78 -24.48 -21.86 4.00
C THR D 78 -24.06 -23.27 3.57
N LEU D 79 -24.11 -24.19 4.55
CA LEU D 79 -23.90 -25.62 4.33
C LEU D 79 -25.21 -26.32 4.66
N TYR D 80 -25.51 -27.39 3.92
CA TYR D 80 -26.76 -28.13 4.09
C TYR D 80 -26.48 -29.61 4.27
N LEU D 81 -27.39 -30.31 4.92
CA LEU D 81 -27.38 -31.75 4.96
C LEU D 81 -28.83 -32.19 4.84
N GLN D 82 -29.10 -33.06 3.86
CA GLN D 82 -30.41 -33.70 3.70
C GLN D 82 -30.32 -35.09 4.29
N LEU D 83 -31.19 -35.41 5.25
CA LEU D 83 -31.16 -36.70 5.91
C LEU D 83 -32.40 -37.49 5.51
N ASN D 84 -32.22 -38.58 4.75
CA ASN D 84 -33.32 -39.44 4.34
C ASN D 84 -33.23 -40.83 4.98
N SER D 85 -34.35 -41.57 4.91
CA SER D 85 -34.40 -42.92 5.42
C SER D 85 -33.78 -43.08 6.81
N LEU D 86 -34.19 -42.21 7.73
CA LEU D 86 -33.59 -42.15 9.04
C LEU D 86 -33.83 -43.40 9.90
N LYS D 87 -32.81 -43.72 10.72
CA LYS D 87 -32.78 -44.87 11.60
C LYS D 87 -32.53 -44.36 13.02
N THR D 88 -32.89 -45.16 14.03
CA THR D 88 -32.73 -44.73 15.42
C THR D 88 -31.26 -44.42 15.73
N GLU D 89 -30.35 -45.20 15.14
CA GLU D 89 -28.92 -45.00 15.27
C GLU D 89 -28.43 -43.62 14.80
N ASP D 90 -29.24 -42.91 14.01
CA ASP D 90 -28.91 -41.56 13.55
C ASP D 90 -29.22 -40.47 14.56
N THR D 91 -29.92 -40.83 15.64
CA THR D 91 -30.18 -39.87 16.70
C THR D 91 -28.86 -39.34 17.25
N ALA D 92 -28.70 -38.01 17.25
CA ALA D 92 -27.47 -37.38 17.70
C ALA D 92 -27.58 -35.87 17.59
N MET D 93 -26.65 -35.19 18.26
CA MET D 93 -26.37 -33.79 17.99
C MET D 93 -25.51 -33.75 16.74
N TYR D 94 -25.89 -32.90 15.77
CA TYR D 94 -25.15 -32.77 14.53
C TYR D 94 -24.45 -31.42 14.51
N TYR D 95 -23.19 -31.41 14.06
CA TYR D 95 -22.38 -30.20 14.06
C TYR D 95 -21.76 -29.93 12.69
N CYS D 96 -21.83 -28.66 12.29
CA CYS D 96 -21.14 -28.18 11.11
C CYS D 96 -19.71 -27.82 11.49
N ALA D 97 -18.73 -28.32 10.72
CA ALA D 97 -17.32 -28.18 11.07
C ALA D 97 -16.54 -27.62 9.88
N LYS D 98 -15.66 -26.64 10.16
CA LYS D 98 -14.84 -25.98 9.17
C LYS D 98 -13.43 -26.57 9.15
N SER D 99 -12.91 -26.86 7.96
CA SER D 99 -11.53 -27.26 7.83
C SER D 99 -10.62 -26.21 8.47
N LYS D 100 -9.53 -26.70 9.05
CA LYS D 100 -8.50 -25.82 9.59
C LYS D 100 -7.58 -25.25 8.49
N TYR D 101 -7.69 -25.79 7.28
CA TYR D 101 -6.77 -25.50 6.19
C TYR D 101 -7.44 -24.72 5.06
N PRO D 102 -7.31 -23.38 4.99
CA PRO D 102 -7.84 -22.64 3.84
C PRO D 102 -7.09 -23.02 2.57
N LYS D 103 -7.85 -23.25 1.49
CA LYS D 103 -7.31 -23.43 0.17
C LYS D 103 -6.32 -24.58 0.08
N TYR D 104 -6.58 -25.65 0.85
CA TYR D 104 -5.68 -26.79 0.86
C TYR D 104 -6.37 -28.00 1.49
N VAL D 105 -6.14 -29.17 0.89
CA VAL D 105 -6.77 -30.42 1.26
C VAL D 105 -5.69 -31.48 1.44
N PRO D 106 -5.18 -31.70 2.67
CA PRO D 106 -4.15 -32.71 2.89
C PRO D 106 -4.62 -34.16 2.77
N THR D 107 -5.90 -34.38 3.11
CA THR D 107 -6.44 -35.73 3.22
C THR D 107 -7.86 -35.76 2.67
N TRP D 108 -8.20 -36.82 1.93
CA TRP D 108 -9.59 -37.03 1.56
C TRP D 108 -9.97 -38.49 1.76
N PRO D 109 -11.07 -38.79 2.49
CA PRO D 109 -11.86 -37.79 3.20
C PRO D 109 -11.09 -37.09 4.32
N PRO D 110 -11.52 -35.88 4.74
CA PRO D 110 -10.86 -35.19 5.86
C PRO D 110 -10.94 -35.98 7.17
N LEU D 111 -9.91 -35.83 8.01
CA LEU D 111 -9.89 -36.42 9.33
C LEU D 111 -10.60 -35.52 10.31
N LEU D 112 -11.16 -36.10 11.38
CA LEU D 112 -11.87 -35.33 12.38
C LEU D 112 -11.06 -34.14 12.90
N ASP D 113 -9.77 -34.37 13.16
CA ASP D 113 -8.90 -33.35 13.74
C ASP D 113 -8.43 -32.29 12.74
N GLU D 114 -8.87 -32.36 11.48
CA GLU D 114 -8.49 -31.38 10.48
C GLU D 114 -9.54 -30.30 10.33
N HIS D 115 -10.35 -30.13 11.39
CA HIS D 115 -11.32 -29.07 11.52
C HIS D 115 -10.93 -28.32 12.79
N ASP D 116 -11.17 -27.00 12.82
CA ASP D 116 -10.82 -26.19 13.98
C ASP D 116 -11.92 -25.27 14.48
N TYR D 117 -13.13 -25.36 13.91
CA TYR D 117 -14.27 -24.64 14.47
C TYR D 117 -15.54 -25.46 14.23
N TRP D 118 -16.44 -25.40 15.21
CA TRP D 118 -17.70 -26.14 15.23
C TRP D 118 -18.79 -25.21 15.76
N GLY D 119 -20.03 -25.44 15.34
CA GLY D 119 -21.16 -24.72 15.91
C GLY D 119 -21.65 -25.38 17.20
N GLN D 120 -22.71 -24.80 17.79
CA GLN D 120 -23.33 -25.32 18.99
C GLN D 120 -24.06 -26.65 18.74
N GLY D 121 -24.42 -26.91 17.47
CA GLY D 121 -24.98 -28.18 17.05
C GLY D 121 -26.52 -28.12 16.98
N ILE D 122 -27.11 -29.12 16.32
CA ILE D 122 -28.56 -29.20 16.16
C ILE D 122 -28.99 -30.64 16.39
N GLN D 123 -30.08 -30.82 17.15
CA GLN D 123 -30.54 -32.14 17.54
C GLN D 123 -31.35 -32.80 16.45
N VAL D 124 -31.04 -34.08 16.20
CA VAL D 124 -31.82 -34.96 15.34
C VAL D 124 -32.24 -36.14 16.21
N THR D 125 -33.55 -36.41 16.27
CA THR D 125 -34.07 -37.55 16.99
C THR D 125 -35.00 -38.38 16.11
N VAL D 126 -34.72 -39.67 16.00
CA VAL D 126 -35.59 -40.57 15.27
C VAL D 126 -36.29 -41.32 16.39
N SER D 127 -37.57 -41.03 16.61
CA SER D 127 -38.27 -41.46 17.81
C SER D 127 -38.54 -42.96 17.76
N SER D 128 -38.18 -43.64 18.85
CA SER D 128 -38.16 -45.09 18.91
C SER D 128 -39.56 -45.66 18.96
#